data_8OUM
#
_entry.id   8OUM
#
_cell.length_a   87.250
_cell.length_b   54.880
_cell.length_c   121.790
_cell.angle_alpha   90.00
_cell.angle_beta   94.47
_cell.angle_gamma   90.00
#
_symmetry.space_group_name_H-M   'P 1 21 1'
#
loop_
_entity.id
_entity.type
_entity.pdbx_description
1 polymer 'GTP-binding protein'
2 non-polymer "GUANOSINE-5'-TRIPHOSPHATE"
3 non-polymer 'MAGNESIUM ION'
4 water water
#
_entity_poly.entity_id   1
_entity_poly.type   'polypeptide(L)'
_entity_poly.pdbx_seq_one_letter_code
;MKKQFKIAVVGLDSAGKTTMLNFLRFEKNIETLPTIGVNVEVLKRQNVNLSIFDLGGLLHFRNLWGTLMKGSSAIIFVMD
SADRYRIEEAKNELWKVLLDPNYPDAPLLIVANKQDKEGAMSIQEIISVCGLDNPEKLGNRSWHIQPTVATTGQGVEEAI
KWIVMELDKLLEHHHHHH
;
_entity_poly.pdbx_strand_id   A,B,C,D,E
#
# COMPACT_ATOMS: atom_id res chain seq x y z
N LYS A 2 22.64 23.84 -14.73
CA LYS A 2 22.43 23.28 -16.07
C LYS A 2 21.17 22.37 -16.16
N LYS A 3 20.30 22.66 -17.14
CA LYS A 3 19.04 21.93 -17.36
C LYS A 3 19.19 20.42 -17.59
N GLN A 4 18.26 19.64 -17.03
CA GLN A 4 18.23 18.19 -17.28
C GLN A 4 17.31 17.91 -18.46
N PHE A 5 17.70 16.99 -19.32
CA PHE A 5 16.88 16.65 -20.47
C PHE A 5 16.66 15.19 -20.46
N LYS A 6 15.40 14.77 -20.36
CA LYS A 6 15.08 13.35 -20.39
C LYS A 6 15.23 12.81 -21.83
N ILE A 7 15.99 11.74 -21.99
CA ILE A 7 16.15 11.11 -23.31
C ILE A 7 15.53 9.76 -23.15
N ALA A 8 14.64 9.36 -24.07
CA ALA A 8 14.05 8.01 -24.00
C ALA A 8 14.79 7.09 -24.93
N VAL A 9 15.16 5.89 -24.49
CA VAL A 9 15.80 4.89 -25.35
C VAL A 9 14.85 3.73 -25.52
N VAL A 10 14.25 3.61 -26.70
CA VAL A 10 13.31 2.54 -27.02
C VAL A 10 13.79 1.70 -28.21
N GLY A 11 13.17 0.54 -28.41
CA GLY A 11 13.48 -0.42 -29.46
C GLY A 11 13.10 -1.82 -29.03
N LEU A 12 13.06 -2.79 -29.97
CA LEU A 12 12.71 -4.17 -29.63
C LEU A 12 13.70 -4.81 -28.65
N ASP A 13 13.30 -5.89 -27.98
CA ASP A 13 14.17 -6.61 -27.06
C ASP A 13 15.38 -7.16 -27.78
N SER A 14 16.56 -7.01 -27.16
CA SER A 14 17.85 -7.46 -27.68
C SER A 14 18.41 -6.57 -28.81
N ALA A 15 17.85 -5.36 -29.01
CA ALA A 15 18.36 -4.41 -30.01
C ALA A 15 19.77 -3.90 -29.64
N GLY A 16 20.03 -3.74 -28.34
CA GLY A 16 21.32 -3.29 -27.85
C GLY A 16 21.26 -1.97 -27.10
N LYS A 17 20.07 -1.63 -26.55
CA LYS A 17 19.82 -0.40 -25.83
C LYS A 17 20.70 -0.31 -24.59
N THR A 18 20.67 -1.35 -23.74
CA THR A 18 21.44 -1.39 -22.51
C THR A 18 22.91 -1.44 -22.83
N THR A 19 23.32 -2.24 -23.81
CA THR A 19 24.74 -2.35 -24.25
C THR A 19 25.31 -0.99 -24.62
N MET A 20 24.46 -0.14 -25.23
CA MET A 20 24.84 1.18 -25.62
C MET A 20 25.01 2.09 -24.40
N LEU A 21 24.06 2.03 -23.47
CA LEU A 21 24.13 2.83 -22.27
C LEU A 21 25.29 2.43 -21.38
N ASN A 22 25.64 1.14 -21.34
CA ASN A 22 26.79 0.66 -20.56
C ASN A 22 28.06 1.23 -21.15
N PHE A 23 28.16 1.29 -22.49
CA PHE A 23 29.33 1.87 -23.12
C PHE A 23 29.39 3.38 -22.83
N LEU A 24 28.25 4.10 -22.97
CA LEU A 24 28.19 5.54 -22.71
C LEU A 24 28.73 5.91 -21.32
N ARG A 25 28.61 4.99 -20.33
CA ARG A 25 29.08 5.23 -18.98
C ARG A 25 30.48 4.60 -18.69
N PHE A 26 30.60 3.26 -18.77
CA PHE A 26 31.82 2.50 -18.46
C PHE A 26 32.87 2.38 -19.55
N GLU A 27 32.47 2.56 -20.81
CA GLU A 27 33.36 2.36 -21.97
C GLU A 27 33.76 0.86 -22.01
N LYS A 28 32.81 -0.03 -21.71
CA LYS A 28 33.09 -1.46 -21.67
C LYS A 28 31.83 -2.29 -21.99
N ASN A 29 32.05 -3.53 -22.47
CA ASN A 29 30.92 -4.42 -22.75
C ASN A 29 30.71 -5.36 -21.55
N ILE A 30 29.78 -4.99 -20.70
CA ILE A 30 29.38 -5.70 -19.50
C ILE A 30 28.19 -6.60 -19.90
N GLU A 31 27.96 -7.68 -19.15
CA GLU A 31 26.82 -8.56 -19.36
C GLU A 31 25.52 -7.78 -19.12
N THR A 32 24.48 -8.10 -19.88
CA THR A 32 23.19 -7.42 -19.73
C THR A 32 22.13 -8.43 -19.41
N LEU A 33 21.06 -7.98 -18.79
CA LEU A 33 19.89 -8.79 -18.50
C LEU A 33 18.74 -8.10 -19.22
N PRO A 34 17.76 -8.85 -19.73
CA PRO A 34 16.60 -8.20 -20.38
C PRO A 34 15.92 -7.21 -19.43
N THR A 35 15.88 -5.96 -19.83
CA THR A 35 15.31 -4.88 -19.03
C THR A 35 13.82 -5.02 -18.97
N ILE A 36 13.30 -5.33 -17.77
CA ILE A 36 11.86 -5.40 -17.55
C ILE A 36 11.58 -4.39 -16.45
N GLY A 37 11.57 -3.16 -16.89
CA GLY A 37 11.44 -1.97 -16.08
C GLY A 37 12.14 -0.83 -16.79
N VAL A 38 12.68 0.12 -16.03
CA VAL A 38 13.39 1.24 -16.63
C VAL A 38 14.73 1.43 -15.93
N ASN A 39 15.82 1.50 -16.71
CA ASN A 39 17.12 1.74 -16.13
C ASN A 39 17.55 3.16 -16.56
N VAL A 40 17.52 4.09 -15.59
CA VAL A 40 17.78 5.52 -15.72
C VAL A 40 19.20 5.88 -15.38
N GLU A 41 19.95 6.38 -16.37
CA GLU A 41 21.32 6.80 -16.14
C GLU A 41 21.45 8.30 -16.40
N VAL A 42 22.15 9.01 -15.51
CA VAL A 42 22.36 10.45 -15.68
C VAL A 42 23.79 10.72 -16.17
N LEU A 43 23.92 11.15 -17.45
CA LEU A 43 25.20 11.41 -18.12
C LEU A 43 25.40 12.90 -18.41
N LYS A 44 26.65 13.38 -18.41
CA LYS A 44 26.94 14.78 -18.73
C LYS A 44 27.94 14.89 -19.90
N ARG A 45 27.48 15.36 -21.07
CA ARG A 45 28.35 15.47 -22.26
C ARG A 45 28.33 16.89 -22.82
N ASN A 47 28.68 20.60 -22.33
CA ASN A 47 28.46 20.77 -20.90
C ASN A 47 26.96 20.84 -20.57
N VAL A 48 26.23 19.74 -20.82
CA VAL A 48 24.79 19.61 -20.51
C VAL A 48 24.48 18.24 -19.97
N ASN A 49 23.82 18.18 -18.82
CA ASN A 49 23.44 16.90 -18.21
C ASN A 49 22.05 16.43 -18.65
N LEU A 50 22.01 15.21 -19.19
CA LEU A 50 20.78 14.57 -19.63
C LEU A 50 20.49 13.30 -18.79
N SER A 51 19.20 13.03 -18.56
CA SER A 51 18.73 11.89 -17.79
C SER A 51 18.15 10.84 -18.77
N ILE A 52 18.96 9.83 -19.16
CA ILE A 52 18.60 8.81 -20.15
C ILE A 52 17.81 7.64 -19.57
N PHE A 53 16.60 7.40 -20.10
CA PHE A 53 15.70 6.34 -19.67
C PHE A 53 15.77 5.16 -20.64
N ASP A 54 16.50 4.11 -20.25
CA ASP A 54 16.59 2.90 -21.05
C ASP A 54 15.37 2.02 -20.71
N LEU A 55 14.33 2.05 -21.56
CA LEU A 55 13.10 1.29 -21.32
C LEU A 55 13.24 -0.14 -21.80
N GLY A 56 12.41 -1.04 -21.28
CA GLY A 56 12.43 -2.44 -21.67
C GLY A 56 11.80 -2.61 -23.04
N GLY A 57 12.26 -3.59 -23.80
CA GLY A 57 11.76 -3.81 -25.14
C GLY A 57 10.97 -5.08 -25.36
N LEU A 58 10.70 -5.85 -24.29
CA LEU A 58 9.90 -7.07 -24.42
C LEU A 58 8.46 -6.68 -24.81
N LEU A 59 7.82 -7.47 -25.67
CA LEU A 59 6.49 -7.23 -26.22
C LEU A 59 5.45 -6.70 -25.21
N HIS A 60 5.30 -7.37 -24.08
CA HIS A 60 4.31 -7.03 -23.09
C HIS A 60 4.66 -5.81 -22.21
N PHE A 61 5.74 -5.11 -22.54
CA PHE A 61 6.24 -3.94 -21.84
C PHE A 61 6.22 -2.71 -22.75
N ARG A 62 6.24 -2.92 -24.09
CA ARG A 62 6.21 -1.84 -25.07
C ARG A 62 5.00 -0.94 -24.89
N ASN A 63 3.88 -1.48 -24.41
CA ASN A 63 2.67 -0.70 -24.19
C ASN A 63 2.88 0.42 -23.12
N LEU A 64 3.94 0.31 -22.30
CA LEU A 64 4.25 1.30 -21.27
C LEU A 64 5.14 2.44 -21.76
N TRP A 65 5.71 2.34 -22.97
CA TRP A 65 6.58 3.39 -23.48
C TRP A 65 5.88 4.73 -23.58
N GLY A 66 4.64 4.73 -24.03
CA GLY A 66 3.87 5.96 -24.17
C GLY A 66 3.78 6.76 -22.88
N THR A 67 3.58 6.08 -21.76
CA THR A 67 3.45 6.75 -20.47
C THR A 67 4.80 6.98 -19.79
N LEU A 68 5.74 6.03 -19.93
CA LEU A 68 7.04 6.16 -19.29
C LEU A 68 7.94 7.19 -19.95
N MET A 69 7.72 7.54 -21.23
CA MET A 69 8.54 8.53 -21.91
C MET A 69 8.14 9.98 -21.57
N LYS A 70 7.04 10.20 -20.79
CA LYS A 70 6.55 11.55 -20.46
C LYS A 70 7.67 12.52 -20.07
N GLY A 71 7.81 13.61 -20.84
CA GLY A 71 8.82 14.63 -20.57
C GLY A 71 10.09 14.55 -21.38
N SER A 72 10.25 13.47 -22.17
CA SER A 72 11.44 13.31 -23.01
C SER A 72 11.59 14.47 -24.03
N SER A 73 12.80 15.00 -24.14
CA SER A 73 13.15 16.03 -25.09
C SER A 73 13.65 15.44 -26.42
N ALA A 74 14.21 14.22 -26.41
CA ALA A 74 14.69 13.53 -27.59
C ALA A 74 14.44 12.02 -27.44
N ILE A 75 14.37 11.31 -28.57
CA ILE A 75 14.12 9.87 -28.55
C ILE A 75 15.17 9.12 -29.31
N ILE A 76 15.76 8.08 -28.71
CA ILE A 76 16.71 7.22 -29.39
C ILE A 76 15.98 5.91 -29.66
N PHE A 77 15.78 5.54 -30.93
CA PHE A 77 15.17 4.27 -31.26
C PHE A 77 16.27 3.35 -31.77
N VAL A 78 16.67 2.36 -30.94
CA VAL A 78 17.71 1.37 -31.27
C VAL A 78 17.14 0.17 -32.05
N MET A 79 17.84 -0.21 -33.12
CA MET A 79 17.43 -1.32 -33.98
C MET A 79 18.54 -2.34 -34.16
N ASP A 80 18.15 -3.62 -34.29
CA ASP A 80 19.12 -4.68 -34.60
C ASP A 80 19.14 -4.77 -36.13
N SER A 81 20.16 -4.14 -36.76
CA SER A 81 20.37 -4.08 -38.20
C SER A 81 20.53 -5.45 -38.82
N ALA A 82 21.03 -6.44 -38.07
CA ALA A 82 21.22 -7.79 -38.61
C ALA A 82 19.94 -8.63 -38.54
N ASP A 83 18.95 -8.22 -37.73
CA ASP A 83 17.70 -8.98 -37.57
C ASP A 83 16.68 -8.58 -38.62
N ARG A 84 16.78 -9.20 -39.78
CA ARG A 84 15.84 -8.91 -40.87
C ARG A 84 14.45 -9.57 -40.63
N TYR A 85 14.43 -10.65 -39.86
CA TYR A 85 13.20 -11.33 -39.51
C TYR A 85 12.31 -10.53 -38.55
N ARG A 86 12.87 -9.55 -37.83
CA ARG A 86 12.09 -8.71 -36.95
C ARG A 86 12.15 -7.23 -37.34
N ILE A 87 12.51 -6.90 -38.61
CA ILE A 87 12.57 -5.50 -39.02
C ILE A 87 11.19 -4.90 -39.23
N GLU A 88 10.20 -5.70 -39.71
CA GLU A 88 8.83 -5.19 -39.85
C GLU A 88 8.23 -4.84 -38.46
N GLU A 89 8.59 -5.64 -37.43
CA GLU A 89 8.15 -5.44 -36.06
C GLU A 89 8.76 -4.18 -35.45
N ALA A 90 10.02 -3.86 -35.81
CA ALA A 90 10.67 -2.65 -35.29
C ALA A 90 10.12 -1.42 -36.02
N LYS A 91 9.86 -1.53 -37.34
CA LYS A 91 9.28 -0.45 -38.12
C LYS A 91 7.90 -0.08 -37.55
N ASN A 92 7.10 -1.09 -37.17
CA ASN A 92 5.77 -0.87 -36.61
C ASN A 92 5.83 -0.13 -35.29
N GLU A 93 6.83 -0.41 -34.46
CA GLU A 93 7.02 0.24 -33.18
C GLU A 93 7.59 1.65 -33.32
N LEU A 94 8.45 1.85 -34.33
CA LEU A 94 9.04 3.16 -34.64
C LEU A 94 7.95 4.12 -35.08
N TRP A 95 6.99 3.63 -35.88
CA TRP A 95 5.89 4.47 -36.34
C TRP A 95 4.86 4.71 -35.29
N LYS A 96 4.68 3.79 -34.33
CA LYS A 96 3.77 4.01 -33.21
C LYS A 96 4.30 5.20 -32.37
N VAL A 97 5.62 5.31 -32.21
CA VAL A 97 6.26 6.41 -31.49
C VAL A 97 6.15 7.73 -32.30
N LEU A 98 6.50 7.67 -33.58
CA LEU A 98 6.45 8.83 -34.46
C LEU A 98 5.06 9.45 -34.53
N LEU A 99 4.02 8.61 -34.53
CA LEU A 99 2.65 9.09 -34.61
C LEU A 99 1.99 9.34 -33.24
N ASP A 100 2.74 9.18 -32.13
CA ASP A 100 2.23 9.43 -30.78
C ASP A 100 2.03 10.93 -30.63
N PRO A 101 0.78 11.36 -30.43
CA PRO A 101 0.52 12.81 -30.33
C PRO A 101 1.15 13.50 -29.13
N ASN A 102 1.68 12.74 -28.16
CA ASN A 102 2.35 13.32 -27.01
C ASN A 102 3.79 13.75 -27.32
N TYR A 103 4.43 13.14 -28.33
CA TYR A 103 5.81 13.48 -28.66
C TYR A 103 5.91 13.82 -30.15
N PRO A 104 5.35 14.96 -30.58
CA PRO A 104 5.39 15.30 -32.01
C PRO A 104 6.58 16.14 -32.46
N ASP A 105 7.22 16.85 -31.52
CA ASP A 105 8.34 17.72 -31.87
C ASP A 105 9.71 17.19 -31.43
N ALA A 106 9.74 16.06 -30.72
CA ALA A 106 10.98 15.51 -30.22
C ALA A 106 11.90 14.95 -31.31
N PRO A 107 13.16 15.43 -31.38
CA PRO A 107 14.12 14.87 -32.34
C PRO A 107 14.27 13.35 -32.20
N LEU A 108 14.42 12.63 -33.32
CA LEU A 108 14.56 11.17 -33.23
C LEU A 108 15.89 10.69 -33.78
N LEU A 109 16.68 10.01 -32.95
CA LEU A 109 17.93 9.41 -33.41
C LEU A 109 17.63 7.94 -33.60
N ILE A 110 17.94 7.37 -34.76
CA ILE A 110 17.72 5.95 -35.00
C ILE A 110 19.08 5.31 -34.95
N VAL A 111 19.32 4.49 -33.94
CA VAL A 111 20.60 3.81 -33.80
C VAL A 111 20.56 2.46 -34.52
N ALA A 112 21.25 2.38 -35.67
CA ALA A 112 21.36 1.16 -36.47
C ALA A 112 22.47 0.31 -35.84
N ASN A 113 22.20 -0.36 -34.73
CA ASN A 113 23.16 -1.16 -34.01
C ASN A 113 23.31 -2.54 -34.63
N LYS A 114 24.43 -3.24 -34.31
CA LYS A 114 24.82 -4.57 -34.75
C LYS A 114 25.37 -4.57 -36.19
N GLN A 115 26.04 -3.46 -36.58
CA GLN A 115 26.67 -3.33 -37.91
C GLN A 115 27.85 -4.32 -38.13
N ASP A 116 28.31 -4.96 -37.05
CA ASP A 116 29.37 -5.94 -37.08
C ASP A 116 28.87 -7.30 -37.57
N LYS A 117 27.61 -7.63 -37.29
CA LYS A 117 27.03 -8.89 -37.65
C LYS A 117 26.90 -9.02 -39.17
N GLU A 118 27.07 -10.22 -39.66
CA GLU A 118 26.95 -10.49 -41.09
C GLU A 118 25.47 -10.33 -41.48
N GLY A 119 25.24 -9.72 -42.64
CA GLY A 119 23.90 -9.47 -43.13
C GLY A 119 23.29 -8.23 -42.51
N ALA A 120 24.11 -7.34 -41.88
CA ALA A 120 23.58 -6.13 -41.27
C ALA A 120 23.07 -5.22 -42.37
N MET A 121 21.96 -4.56 -42.09
CA MET A 121 21.35 -3.65 -43.03
C MET A 121 22.11 -2.36 -43.08
N SER A 122 22.19 -1.76 -44.26
CA SER A 122 22.86 -0.48 -44.41
C SER A 122 21.90 0.65 -43.96
N ILE A 123 22.41 1.88 -43.78
CA ILE A 123 21.60 3.04 -43.43
C ILE A 123 20.51 3.26 -44.49
N GLN A 124 20.87 3.11 -45.77
CA GLN A 124 19.95 3.25 -46.89
C GLN A 124 18.85 2.20 -46.80
N GLU A 125 19.22 0.97 -46.50
CA GLU A 125 18.27 -0.12 -46.39
C GLU A 125 17.26 0.11 -45.29
N ILE A 126 17.69 0.65 -44.15
CA ILE A 126 16.80 0.94 -43.03
C ILE A 126 15.79 2.04 -43.39
N ILE A 127 16.23 3.16 -44.01
CA ILE A 127 15.34 4.25 -44.45
C ILE A 127 14.25 3.71 -45.39
N SER A 128 14.64 2.83 -46.32
CA SER A 128 13.73 2.25 -47.29
C SER A 128 12.69 1.31 -46.66
N VAL A 129 13.15 0.39 -45.78
CA VAL A 129 12.25 -0.55 -45.11
C VAL A 129 11.30 0.16 -44.15
N CYS A 130 11.83 1.16 -43.41
CA CYS A 130 11.02 1.92 -42.47
C CYS A 130 10.14 2.98 -43.13
N GLY A 131 10.30 3.23 -44.42
CA GLY A 131 9.53 4.24 -45.14
C GLY A 131 9.85 5.67 -44.76
N LEU A 132 10.98 5.89 -44.07
CA LEU A 132 11.41 7.23 -43.66
C LEU A 132 11.70 8.18 -44.85
N ASP A 133 11.62 7.68 -46.07
CA ASP A 133 11.77 8.50 -47.27
C ASP A 133 10.43 9.20 -47.66
N ASN A 134 9.38 9.09 -46.81
CA ASN A 134 8.09 9.72 -47.05
C ASN A 134 7.92 10.82 -46.01
N PRO A 135 8.02 12.08 -46.46
CA PRO A 135 7.94 13.19 -45.51
C PRO A 135 6.57 13.47 -44.94
N GLU A 136 5.49 13.11 -45.68
CA GLU A 136 4.09 13.37 -45.32
C GLU A 136 3.76 13.08 -43.87
N LYS A 137 4.12 11.89 -43.36
CA LYS A 137 3.79 11.55 -41.99
C LYS A 137 4.95 11.81 -41.00
N LEU A 138 5.91 12.68 -41.38
CA LEU A 138 7.07 13.01 -40.51
C LEU A 138 7.09 14.46 -40.03
N GLY A 139 6.40 15.33 -40.74
CA GLY A 139 6.31 16.76 -40.44
C GLY A 139 7.63 17.49 -40.33
N ASN A 140 7.74 18.37 -39.34
CA ASN A 140 8.91 19.19 -39.06
C ASN A 140 9.81 18.57 -37.97
N ARG A 141 9.88 17.25 -37.94
CA ARG A 141 10.72 16.57 -36.94
C ARG A 141 12.14 16.33 -37.48
N SER A 142 13.18 16.67 -36.69
CA SER A 142 14.56 16.42 -37.13
C SER A 142 14.89 14.94 -36.82
N TRP A 143 15.43 14.19 -37.78
CA TRP A 143 15.81 12.79 -37.56
C TRP A 143 17.19 12.50 -38.16
N HIS A 144 17.86 11.47 -37.60
CA HIS A 144 19.21 11.09 -37.97
C HIS A 144 19.42 9.61 -37.75
N ILE A 145 20.22 8.96 -38.61
CA ILE A 145 20.50 7.52 -38.43
C ILE A 145 21.99 7.37 -38.13
N GLN A 146 22.29 6.57 -37.10
CA GLN A 146 23.67 6.38 -36.70
C GLN A 146 24.00 4.91 -36.64
N PRO A 147 24.88 4.43 -37.53
CA PRO A 147 25.27 3.03 -37.48
C PRO A 147 26.22 2.77 -36.30
N THR A 148 25.92 1.77 -35.46
CA THR A 148 26.78 1.47 -34.31
C THR A 148 27.06 -0.02 -34.10
N VAL A 149 28.11 -0.33 -33.35
CA VAL A 149 28.44 -1.63 -32.85
C VAL A 149 28.55 -1.33 -31.32
N ALA A 150 27.44 -1.43 -30.57
CA ALA A 150 27.36 -1.09 -29.15
C ALA A 150 28.29 -1.88 -28.27
N THR A 151 28.63 -3.12 -28.66
CA THR A 151 29.57 -3.94 -27.88
C THR A 151 30.99 -3.36 -27.91
N THR A 152 31.37 -2.69 -29.01
CA THR A 152 32.69 -2.04 -29.13
C THR A 152 32.62 -0.50 -28.96
N GLY A 153 31.41 0.06 -28.94
CA GLY A 153 31.16 1.50 -28.82
C GLY A 153 31.34 2.29 -30.10
N GLN A 154 31.53 1.58 -31.24
CA GLN A 154 31.72 2.19 -32.55
C GLN A 154 30.48 2.99 -32.91
N GLY A 155 30.65 4.29 -33.11
CA GLY A 155 29.56 5.20 -33.46
C GLY A 155 28.68 5.64 -32.31
N VAL A 156 28.90 5.09 -31.11
CA VAL A 156 28.11 5.40 -29.92
C VAL A 156 28.35 6.84 -29.42
N GLU A 157 29.61 7.31 -29.46
CA GLU A 157 29.92 8.69 -29.05
C GLU A 157 29.33 9.73 -30.04
N GLU A 158 29.32 9.37 -31.33
CA GLU A 158 28.77 10.17 -32.43
C GLU A 158 27.22 10.20 -32.40
N ALA A 159 26.59 9.15 -31.83
CA ALA A 159 25.15 9.07 -31.68
C ALA A 159 24.73 10.00 -30.54
N ILE A 160 25.47 9.99 -29.42
CA ILE A 160 25.11 10.82 -28.29
C ILE A 160 25.42 12.29 -28.56
N LYS A 161 26.44 12.58 -29.39
CA LYS A 161 26.78 13.94 -29.79
C LYS A 161 25.64 14.58 -30.59
N TRP A 162 24.93 13.80 -31.41
CA TRP A 162 23.79 14.35 -32.17
C TRP A 162 22.67 14.74 -31.23
N ILE A 163 22.36 13.87 -30.25
CA ILE A 163 21.33 14.09 -29.24
C ILE A 163 21.68 15.34 -28.44
N VAL A 164 22.94 15.44 -27.98
CA VAL A 164 23.40 16.60 -27.22
C VAL A 164 23.28 17.89 -28.04
N MET A 165 23.66 17.84 -29.32
CA MET A 165 23.56 18.96 -30.25
C MET A 165 22.10 19.43 -30.35
N GLU A 166 21.16 18.48 -30.39
CA GLU A 166 19.73 18.78 -30.49
C GLU A 166 19.21 19.47 -29.26
N LEU A 167 19.65 19.03 -28.07
CA LEU A 167 19.27 19.61 -26.77
C LEU A 167 19.88 20.99 -26.60
N ASP A 168 21.10 21.22 -27.12
CA ASP A 168 21.73 22.54 -27.08
C ASP A 168 20.88 23.58 -27.80
N LYS A 169 20.09 23.16 -28.82
CA LYS A 169 19.20 24.05 -29.56
C LYS A 169 17.95 24.33 -28.70
N MET B 1 39.86 -1.07 0.70
CA MET B 1 38.94 -2.01 1.36
C MET B 1 37.79 -2.36 0.44
N LYS B 2 37.39 -3.65 0.41
CA LYS B 2 36.31 -4.18 -0.44
C LYS B 2 35.05 -3.40 -0.21
N LYS B 3 34.36 -2.96 -1.29
CA LYS B 3 33.10 -2.26 -1.12
C LYS B 3 32.07 -3.22 -0.49
N GLN B 4 31.38 -2.75 0.54
CA GLN B 4 30.27 -3.43 1.18
C GLN B 4 29.06 -2.53 0.96
N PHE B 5 27.90 -3.12 0.68
CA PHE B 5 26.68 -2.35 0.49
C PHE B 5 25.55 -3.01 1.24
N LYS B 6 24.65 -2.22 1.80
CA LYS B 6 23.49 -2.74 2.52
C LYS B 6 22.33 -2.89 1.53
N ILE B 7 21.71 -4.07 1.51
CA ILE B 7 20.59 -4.33 0.61
C ILE B 7 19.38 -4.67 1.45
N ALA B 8 18.31 -3.86 1.36
CA ALA B 8 17.12 -4.14 2.17
C ALA B 8 16.16 -5.06 1.44
N VAL B 9 15.66 -6.11 2.11
CA VAL B 9 14.69 -7.01 1.51
C VAL B 9 13.37 -6.83 2.26
N VAL B 10 12.41 -6.20 1.63
CA VAL B 10 11.10 -5.95 2.22
C VAL B 10 9.99 -6.60 1.36
N GLY B 11 8.79 -6.69 1.94
CA GLY B 11 7.62 -7.29 1.31
C GLY B 11 6.66 -7.79 2.37
N LEU B 12 5.43 -8.14 1.98
CA LEU B 12 4.45 -8.66 2.94
C LEU B 12 4.89 -9.99 3.54
N ASP B 13 4.32 -10.37 4.70
CA ASP B 13 4.62 -11.61 5.35
C ASP B 13 4.28 -12.80 4.44
N SER B 14 5.17 -13.79 4.39
CA SER B 14 5.03 -15.02 3.61
C SER B 14 5.27 -14.83 2.08
N ALA B 15 5.86 -13.68 1.69
CA ALA B 15 6.16 -13.45 0.27
C ALA B 15 7.30 -14.35 -0.21
N GLY B 16 8.23 -14.68 0.68
CA GLY B 16 9.34 -15.55 0.34
C GLY B 16 10.70 -14.90 0.45
N LYS B 17 10.78 -13.81 1.26
CA LYS B 17 12.01 -13.06 1.47
C LYS B 17 13.10 -13.94 2.07
N THR B 18 12.81 -14.64 3.18
CA THR B 18 13.77 -15.49 3.85
C THR B 18 14.14 -16.66 2.97
N THR B 19 13.15 -17.28 2.33
CA THR B 19 13.37 -18.40 1.38
C THR B 19 14.37 -18.02 0.28
N MET B 20 14.30 -16.77 -0.17
CA MET B 20 15.20 -16.25 -1.17
C MET B 20 16.60 -16.05 -0.62
N LEU B 21 16.72 -15.48 0.57
CA LEU B 21 18.02 -15.27 1.18
C LEU B 21 18.72 -16.61 1.53
N ASN B 22 17.93 -17.64 1.93
CA ASN B 22 18.49 -18.97 2.21
C ASN B 22 19.05 -19.54 0.93
N PHE B 23 18.36 -19.35 -0.21
CA PHE B 23 18.87 -19.81 -1.50
C PHE B 23 20.14 -19.03 -1.92
N LEU B 24 20.14 -17.71 -1.76
CA LEU B 24 21.29 -16.88 -2.11
C LEU B 24 22.56 -17.23 -1.35
N ARG B 25 22.41 -17.66 -0.08
CA ARG B 25 23.56 -17.95 0.74
C ARG B 25 23.91 -19.43 0.84
N PHE B 26 22.91 -20.33 0.72
CA PHE B 26 23.14 -21.78 0.90
C PHE B 26 22.66 -22.69 -0.24
N GLU B 27 21.95 -22.12 -1.23
CA GLU B 27 21.41 -22.83 -2.39
C GLU B 27 20.57 -24.04 -1.97
N LYS B 28 19.79 -23.88 -0.90
CA LYS B 28 18.93 -24.90 -0.34
C LYS B 28 17.60 -24.29 0.18
N ASN B 29 16.49 -25.06 0.20
CA ASN B 29 15.24 -24.59 0.75
C ASN B 29 15.10 -25.22 2.14
N ILE B 30 15.46 -24.45 3.16
CA ILE B 30 15.32 -24.88 4.52
C ILE B 30 14.07 -24.27 5.12
N GLU B 31 13.55 -24.84 6.21
CA GLU B 31 12.36 -24.34 6.88
C GLU B 31 12.56 -22.90 7.35
N THR B 32 11.49 -22.10 7.28
CA THR B 32 11.54 -20.71 7.72
C THR B 32 10.45 -20.48 8.76
N LEU B 33 10.64 -19.46 9.59
CA LEU B 33 9.66 -19.01 10.58
C LEU B 33 9.41 -17.54 10.23
N PRO B 34 8.20 -17.01 10.52
CA PRO B 34 7.95 -15.59 10.29
C PRO B 34 8.98 -14.71 11.01
N THR B 35 9.73 -13.93 10.22
CA THR B 35 10.77 -13.04 10.71
C THR B 35 10.15 -11.89 11.48
N ILE B 36 10.42 -11.86 12.78
CA ILE B 36 9.97 -10.79 13.65
C ILE B 36 11.22 -10.21 14.24
N GLY B 37 11.89 -9.44 13.41
CA GLY B 37 13.18 -8.81 13.66
C GLY B 37 13.90 -8.65 12.33
N VAL B 38 15.22 -8.78 12.32
CA VAL B 38 15.99 -8.68 11.09
C VAL B 38 16.94 -9.87 10.93
N ASN B 39 16.94 -10.47 9.74
CA ASN B 39 17.81 -11.57 9.41
C ASN B 39 18.89 -11.00 8.49
N VAL B 40 20.13 -10.92 8.97
CA VAL B 40 21.22 -10.34 8.19
C VAL B 40 22.20 -11.41 7.71
N GLU B 41 22.39 -11.51 6.40
CA GLU B 41 23.34 -12.45 5.82
C GLU B 41 24.25 -11.72 4.84
N VAL B 42 25.53 -12.07 4.79
CA VAL B 42 26.48 -11.41 3.91
C VAL B 42 26.77 -12.20 2.66
N LEU B 43 26.44 -11.63 1.50
CA LEU B 43 26.71 -12.24 0.21
C LEU B 43 28.06 -11.77 -0.28
N LYS B 44 29.04 -12.67 -0.30
CA LYS B 44 30.36 -12.34 -0.74
C LYS B 44 30.38 -12.55 -2.24
N ARG B 45 30.41 -11.47 -3.04
CA ARG B 45 30.47 -11.62 -4.49
C ARG B 45 31.89 -11.23 -4.94
N GLN B 46 32.19 -11.13 -6.27
CA GLN B 46 33.58 -10.92 -6.69
C GLN B 46 34.16 -9.51 -6.41
N ASN B 47 33.39 -8.47 -6.78
CA ASN B 47 33.77 -7.04 -6.68
C ASN B 47 33.07 -6.35 -5.49
N VAL B 48 31.86 -6.80 -5.16
CA VAL B 48 31.13 -6.24 -4.03
C VAL B 48 30.83 -7.28 -2.95
N ASN B 49 30.60 -6.78 -1.72
CA ASN B 49 30.13 -7.52 -0.57
C ASN B 49 28.75 -6.93 -0.25
N LEU B 50 27.70 -7.77 -0.13
CA LEU B 50 26.37 -7.26 0.21
C LEU B 50 25.97 -7.74 1.60
N SER B 51 25.45 -6.82 2.42
CA SER B 51 24.92 -7.08 3.74
C SER B 51 23.44 -7.06 3.50
N ILE B 52 22.86 -8.24 3.34
CA ILE B 52 21.45 -8.35 2.99
C ILE B 52 20.54 -8.39 4.23
N PHE B 53 19.78 -7.32 4.45
CA PHE B 53 18.89 -7.20 5.60
C PHE B 53 17.50 -7.67 5.25
N ASP B 54 17.19 -8.91 5.61
CA ASP B 54 15.89 -9.49 5.40
C ASP B 54 15.00 -9.05 6.59
N LEU B 55 14.18 -8.04 6.37
CA LEU B 55 13.30 -7.51 7.42
C LEU B 55 12.00 -8.33 7.55
N GLY B 56 11.31 -8.21 8.68
CA GLY B 56 10.03 -8.85 8.93
C GLY B 56 8.89 -8.21 8.15
N GLY B 57 7.90 -9.01 7.80
CA GLY B 57 6.79 -8.52 6.98
C GLY B 57 5.43 -8.49 7.63
N LEU B 58 5.33 -8.88 8.89
CA LEU B 58 4.05 -8.85 9.60
C LEU B 58 3.61 -7.41 9.79
N LEU B 59 2.30 -7.16 9.68
CA LEU B 59 1.69 -5.82 9.74
C LEU B 59 2.29 -4.88 10.80
N HIS B 60 2.37 -5.37 12.05
CA HIS B 60 2.81 -4.57 13.17
C HIS B 60 4.33 -4.46 13.33
N PHE B 61 5.07 -4.71 12.23
CA PHE B 61 6.52 -4.63 12.12
C PHE B 61 6.92 -3.75 10.92
N ARG B 62 6.10 -3.71 9.86
CA ARG B 62 6.33 -2.92 8.67
C ARG B 62 6.68 -1.47 8.97
N ASN B 63 6.13 -0.93 10.06
CA ASN B 63 6.41 0.44 10.46
C ASN B 63 7.92 0.69 10.78
N LEU B 64 8.68 -0.38 11.03
CA LEU B 64 10.10 -0.27 11.32
C LEU B 64 10.99 -0.27 10.08
N TRP B 65 10.46 -0.59 8.90
CA TRP B 65 11.25 -0.63 7.68
C TRP B 65 11.95 0.70 7.40
N GLY B 66 11.26 1.81 7.61
CA GLY B 66 11.82 3.13 7.38
C GLY B 66 13.10 3.40 8.15
N THR B 67 13.16 2.97 9.41
CA THR B 67 14.34 3.17 10.24
C THR B 67 15.36 2.04 10.08
N LEU B 68 14.90 0.80 9.90
CA LEU B 68 15.82 -0.33 9.78
C LEU B 68 16.56 -0.38 8.46
N MET B 69 16.02 0.25 7.41
CA MET B 69 16.67 0.27 6.10
C MET B 69 17.80 1.31 6.02
N LYS B 70 18.00 2.18 7.06
CA LYS B 70 19.02 3.23 7.04
C LYS B 70 20.36 2.78 6.47
N GLY B 71 20.79 3.39 5.36
CA GLY B 71 22.05 3.05 4.73
C GLY B 71 21.95 2.13 3.53
N SER B 72 20.77 1.59 3.23
CA SER B 72 20.61 0.69 2.09
C SER B 72 20.91 1.39 0.76
N SER B 73 21.67 0.72 -0.10
CA SER B 73 22.02 1.20 -1.41
C SER B 73 21.06 0.68 -2.48
N ALA B 74 20.38 -0.43 -2.23
CA ALA B 74 19.39 -0.99 -3.14
C ALA B 74 18.27 -1.66 -2.34
N ILE B 75 17.08 -1.78 -2.95
CA ILE B 75 15.94 -2.37 -2.25
C ILE B 75 15.34 -3.49 -3.06
N ILE B 76 15.14 -4.64 -2.45
CA ILE B 76 14.46 -5.75 -3.08
C ILE B 76 13.06 -5.85 -2.44
N PHE B 77 12.00 -5.67 -3.24
CA PHE B 77 10.65 -5.80 -2.73
C PHE B 77 10.09 -7.12 -3.24
N VAL B 78 9.97 -8.12 -2.36
CA VAL B 78 9.46 -9.45 -2.70
C VAL B 78 7.94 -9.46 -2.70
N MET B 79 7.31 -10.14 -3.66
CA MET B 79 5.86 -10.24 -3.74
C MET B 79 5.37 -11.65 -3.96
N ASP B 80 4.22 -12.02 -3.38
CA ASP B 80 3.62 -13.31 -3.64
C ASP B 80 2.70 -13.13 -4.85
N SER B 81 3.20 -13.50 -6.06
CA SER B 81 2.49 -13.39 -7.35
C SER B 81 1.21 -14.19 -7.37
N ALA B 82 1.12 -15.26 -6.59
CA ALA B 82 -0.10 -16.07 -6.57
C ALA B 82 -1.18 -15.50 -5.64
N ASP B 83 -0.80 -14.60 -4.72
CA ASP B 83 -1.74 -14.01 -3.76
C ASP B 83 -2.41 -12.78 -4.35
N ARG B 84 -3.51 -13.02 -5.05
CA ARG B 84 -4.29 -11.95 -5.64
C ARG B 84 -5.13 -11.21 -4.58
N TYR B 85 -5.49 -11.91 -3.51
CA TYR B 85 -6.23 -11.32 -2.42
C TYR B 85 -5.42 -10.25 -1.64
N ARG B 86 -4.10 -10.33 -1.66
CA ARG B 86 -3.25 -9.39 -0.94
C ARG B 86 -2.37 -8.54 -1.86
N ILE B 87 -2.74 -8.43 -3.13
CA ILE B 87 -1.94 -7.62 -4.06
C ILE B 87 -2.13 -6.11 -3.81
N GLU B 88 -3.34 -5.68 -3.40
CA GLU B 88 -3.57 -4.27 -3.05
C GLU B 88 -2.73 -3.85 -1.85
N GLU B 89 -2.58 -4.76 -0.88
CA GLU B 89 -1.81 -4.53 0.31
C GLU B 89 -0.31 -4.44 0.03
N ALA B 90 0.18 -5.21 -0.95
CA ALA B 90 1.59 -5.16 -1.32
C ALA B 90 1.87 -3.89 -2.13
N LYS B 91 0.94 -3.48 -3.01
CA LYS B 91 1.07 -2.26 -3.77
C LYS B 91 1.16 -1.05 -2.84
N ASN B 92 0.35 -1.05 -1.78
CA ASN B 92 0.34 0.03 -0.81
C ASN B 92 1.67 0.17 -0.08
N GLU B 93 2.31 -0.96 0.22
CA GLU B 93 3.59 -1.00 0.92
C GLU B 93 4.76 -0.66 0.01
N LEU B 94 4.65 -1.07 -1.26
CA LEU B 94 5.65 -0.79 -2.29
C LEU B 94 5.71 0.72 -2.51
N TRP B 95 4.55 1.40 -2.55
CA TRP B 95 4.52 2.82 -2.75
C TRP B 95 4.91 3.61 -1.53
N LYS B 96 4.73 3.06 -0.33
CA LYS B 96 5.19 3.71 0.90
C LYS B 96 6.73 3.78 0.88
N VAL B 97 7.39 2.74 0.34
CA VAL B 97 8.84 2.69 0.23
C VAL B 97 9.33 3.63 -0.87
N LEU B 98 8.69 3.57 -2.04
CA LEU B 98 9.03 4.40 -3.17
C LEU B 98 8.93 5.87 -2.86
N LEU B 99 7.94 6.26 -2.06
CA LEU B 99 7.76 7.67 -1.70
C LEU B 99 8.46 8.08 -0.40
N ASP B 100 9.27 7.20 0.20
CA ASP B 100 10.03 7.50 1.41
C ASP B 100 11.14 8.47 1.03
N PRO B 101 11.11 9.69 1.57
CA PRO B 101 12.14 10.68 1.19
C PRO B 101 13.56 10.32 1.61
N ASN B 102 13.74 9.30 2.47
CA ASN B 102 15.07 8.89 2.88
C ASN B 102 15.75 7.98 1.82
N TYR B 103 14.95 7.29 0.98
CA TYR B 103 15.53 6.39 -0.04
C TYR B 103 14.98 6.77 -1.43
N PRO B 104 15.37 7.94 -1.98
CA PRO B 104 14.83 8.35 -3.27
C PRO B 104 15.64 7.91 -4.48
N ASP B 105 16.92 7.60 -4.29
CA ASP B 105 17.80 7.21 -5.39
C ASP B 105 18.11 5.73 -5.47
N ALA B 106 17.72 4.97 -4.47
CA ALA B 106 18.01 3.55 -4.41
C ALA B 106 17.31 2.72 -5.47
N PRO B 107 18.07 1.96 -6.27
CA PRO B 107 17.45 1.07 -7.27
C PRO B 107 16.47 0.09 -6.64
N LEU B 108 15.35 -0.21 -7.31
CA LEU B 108 14.37 -1.13 -6.73
C LEU B 108 14.19 -2.37 -7.57
N LEU B 109 14.47 -3.55 -7.00
CA LEU B 109 14.21 -4.81 -7.70
C LEU B 109 12.92 -5.37 -7.14
N ILE B 110 11.95 -5.71 -7.99
CA ILE B 110 10.69 -6.29 -7.53
C ILE B 110 10.75 -7.74 -7.86
N VAL B 111 10.77 -8.59 -6.82
CA VAL B 111 10.84 -10.03 -7.06
C VAL B 111 9.45 -10.60 -7.10
N ALA B 112 9.01 -11.01 -8.28
CA ALA B 112 7.69 -11.59 -8.48
C ALA B 112 7.83 -13.04 -8.14
N ASN B 113 7.79 -13.32 -6.83
CA ASN B 113 7.97 -14.67 -6.29
C ASN B 113 6.73 -15.55 -6.41
N LYS B 114 6.94 -16.87 -6.27
CA LYS B 114 5.91 -17.91 -6.29
C LYS B 114 5.30 -18.09 -7.67
N GLN B 115 6.11 -17.94 -8.72
CA GLN B 115 5.65 -18.17 -10.09
C GLN B 115 5.24 -19.64 -10.37
N ASP B 116 5.56 -20.54 -9.44
CA ASP B 116 5.22 -21.95 -9.52
C ASP B 116 3.75 -22.19 -9.10
N LYS B 117 3.23 -21.34 -8.18
CA LYS B 117 1.90 -21.46 -7.63
C LYS B 117 0.85 -21.17 -8.67
N GLU B 118 -0.19 -22.02 -8.74
CA GLU B 118 -1.29 -21.88 -9.69
C GLU B 118 -1.96 -20.50 -9.58
N GLY B 119 -2.17 -19.87 -10.72
CA GLY B 119 -2.78 -18.55 -10.74
C GLY B 119 -1.80 -17.44 -10.43
N ALA B 120 -0.49 -17.67 -10.62
CA ALA B 120 0.51 -16.65 -10.38
C ALA B 120 0.34 -15.56 -11.43
N MET B 121 0.52 -14.32 -11.00
CA MET B 121 0.40 -13.16 -11.85
C MET B 121 1.60 -13.05 -12.75
N SER B 122 1.38 -12.55 -13.95
CA SER B 122 2.46 -12.32 -14.90
C SER B 122 3.17 -11.00 -14.55
N ILE B 123 4.36 -10.76 -15.14
CA ILE B 123 5.11 -9.52 -14.92
C ILE B 123 4.26 -8.30 -15.37
N GLN B 124 3.54 -8.44 -16.49
CA GLN B 124 2.65 -7.42 -17.04
C GLN B 124 1.56 -7.10 -16.04
N GLU B 125 0.95 -8.16 -15.47
CA GLU B 125 -0.13 -8.04 -14.51
C GLU B 125 0.32 -7.30 -13.27
N ILE B 126 1.51 -7.57 -12.78
CA ILE B 126 2.04 -6.88 -11.61
C ILE B 126 2.26 -5.38 -11.87
N ILE B 127 2.90 -4.99 -13.00
CA ILE B 127 3.11 -3.58 -13.34
C ILE B 127 1.78 -2.80 -13.38
N SER B 128 0.76 -3.43 -13.96
CA SER B 128 -0.56 -2.85 -14.10
C SER B 128 -1.27 -2.66 -12.75
N VAL B 129 -1.27 -3.70 -11.92
CA VAL B 129 -1.92 -3.63 -10.61
C VAL B 129 -1.21 -2.65 -9.67
N CYS B 130 0.13 -2.65 -9.70
CA CYS B 130 0.93 -1.76 -8.86
C CYS B 130 1.03 -0.32 -9.36
N GLY B 131 0.50 -0.02 -10.55
CA GLY B 131 0.58 1.31 -11.11
C GLY B 131 2.00 1.75 -11.40
N LEU B 132 2.91 0.80 -11.64
CA LEU B 132 4.28 1.13 -12.01
C LEU B 132 4.40 1.73 -13.42
N ASP B 133 3.28 1.80 -14.16
CA ASP B 133 3.23 2.42 -15.45
C ASP B 133 3.00 3.97 -15.36
N ASN B 134 3.10 4.55 -14.14
CA ASN B 134 2.96 5.99 -13.95
C ASN B 134 4.33 6.55 -13.60
N PRO B 135 4.96 7.28 -14.54
CA PRO B 135 6.33 7.75 -14.29
C PRO B 135 6.45 8.92 -13.33
N GLU B 136 5.39 9.75 -13.22
CA GLU B 136 5.35 10.96 -12.39
C GLU B 136 5.90 10.75 -10.98
N LYS B 137 5.45 9.71 -10.28
CA LYS B 137 5.90 9.46 -8.93
C LYS B 137 7.03 8.42 -8.85
N LEU B 138 7.75 8.19 -9.97
CA LEU B 138 8.87 7.24 -10.08
C LEU B 138 10.24 7.89 -10.33
N GLY B 139 10.25 9.17 -10.67
CA GLY B 139 11.46 9.95 -10.88
C GLY B 139 12.54 9.31 -11.72
N ASN B 140 13.80 9.51 -11.31
CA ASN B 140 14.98 8.94 -11.98
C ASN B 140 15.45 7.64 -11.31
N ARG B 141 14.50 6.87 -10.76
CA ARG B 141 14.84 5.63 -10.07
C ARG B 141 14.84 4.44 -11.02
N SER B 142 15.91 3.62 -11.00
CA SER B 142 15.98 2.46 -11.86
C SER B 142 15.19 1.34 -11.19
N TRP B 143 14.30 0.65 -11.92
CA TRP B 143 13.52 -0.46 -11.38
C TRP B 143 13.46 -1.62 -12.35
N HIS B 144 13.28 -2.82 -11.82
CA HIS B 144 13.30 -4.07 -12.59
C HIS B 144 12.41 -5.11 -11.92
N ILE B 145 11.73 -5.97 -12.70
CA ILE B 145 10.90 -7.03 -12.13
C ILE B 145 11.52 -8.37 -12.50
N GLN B 146 11.66 -9.25 -11.51
CA GLN B 146 12.26 -10.55 -11.73
C GLN B 146 11.35 -11.66 -11.25
N PRO B 147 10.83 -12.48 -12.18
CA PRO B 147 9.98 -13.61 -11.75
C PRO B 147 10.83 -14.70 -11.16
N THR B 148 10.52 -15.14 -9.93
CA THR B 148 11.29 -16.18 -9.29
C THR B 148 10.38 -17.29 -8.69
N VAL B 149 11.01 -18.41 -8.28
CA VAL B 149 10.46 -19.51 -7.51
C VAL B 149 11.55 -19.69 -6.44
N ALA B 150 11.46 -18.95 -5.34
CA ALA B 150 12.47 -18.96 -4.27
C ALA B 150 12.77 -20.32 -3.67
N THR B 151 11.78 -21.20 -3.60
CA THR B 151 11.99 -22.54 -3.05
C THR B 151 12.96 -23.37 -3.90
N THR B 152 12.96 -23.13 -5.22
CA THR B 152 13.89 -23.81 -6.13
C THR B 152 15.08 -22.92 -6.56
N GLY B 153 15.02 -21.62 -6.28
CA GLY B 153 16.04 -20.65 -6.64
C GLY B 153 15.98 -20.17 -8.08
N GLN B 154 14.92 -20.56 -8.81
CA GLN B 154 14.71 -20.18 -10.20
C GLN B 154 14.59 -18.65 -10.29
N GLY B 155 15.47 -18.02 -11.06
CA GLY B 155 15.48 -16.57 -11.24
C GLY B 155 16.09 -15.79 -10.09
N VAL B 156 16.46 -16.45 -8.99
CA VAL B 156 17.04 -15.82 -7.81
C VAL B 156 18.47 -15.31 -8.10
N GLU B 157 19.27 -16.08 -8.88
CA GLU B 157 20.63 -15.64 -9.23
C GLU B 157 20.60 -14.43 -10.17
N GLU B 158 19.60 -14.39 -11.08
CA GLU B 158 19.43 -13.28 -12.00
C GLU B 158 18.96 -12.03 -11.24
N ALA B 159 18.14 -12.22 -10.19
CA ALA B 159 17.65 -11.11 -9.39
C ALA B 159 18.81 -10.45 -8.66
N ILE B 160 19.73 -11.24 -8.10
CA ILE B 160 20.87 -10.69 -7.37
C ILE B 160 21.90 -10.09 -8.33
N LYS B 161 22.00 -10.64 -9.55
CA LYS B 161 22.89 -10.12 -10.59
C LYS B 161 22.48 -8.68 -10.96
N TRP B 162 21.17 -8.37 -10.98
CA TRP B 162 20.72 -7.03 -11.33
C TRP B 162 21.14 -6.05 -10.24
N ILE B 163 20.95 -6.44 -8.96
CA ILE B 163 21.32 -5.65 -7.78
C ILE B 163 22.83 -5.39 -7.81
N VAL B 164 23.63 -6.44 -8.07
CA VAL B 164 25.09 -6.31 -8.15
C VAL B 164 25.49 -5.36 -9.28
N MET B 165 24.84 -5.49 -10.43
CA MET B 165 25.09 -4.63 -11.59
C MET B 165 24.84 -3.15 -11.24
N GLU B 166 23.80 -2.91 -10.44
CA GLU B 166 23.45 -1.56 -10.01
C GLU B 166 24.48 -0.96 -9.08
N LEU B 167 25.02 -1.78 -8.15
CA LEU B 167 26.06 -1.37 -7.21
C LEU B 167 27.37 -1.13 -7.92
N ASP B 168 27.67 -1.91 -8.99
CA ASP B 168 28.87 -1.72 -9.80
C ASP B 168 28.90 -0.34 -10.44
N LYS B 169 27.72 0.26 -10.72
CA LYS B 169 27.60 1.59 -11.28
C LYS B 169 27.88 2.63 -10.20
N LEU B 170 27.41 2.41 -8.96
CA LEU B 170 27.68 3.32 -7.84
C LEU B 170 29.18 3.33 -7.54
N LEU B 171 29.82 2.15 -7.57
CA LEU B 171 31.24 2.00 -7.32
C LEU B 171 32.09 2.60 -8.47
N GLU B 172 31.57 2.57 -9.71
CA GLU B 172 32.23 3.19 -10.87
C GLU B 172 32.03 4.74 -10.85
N HIS B 173 30.92 5.23 -10.21
CA HIS B 173 30.47 6.63 -10.04
C HIS B 173 31.10 7.63 -11.00
N LYS C 2 -35.63 -14.39 2.89
CA LYS C 2 -34.56 -13.87 3.76
C LYS C 2 -34.88 -12.49 4.41
N LYS C 3 -34.84 -12.41 5.76
CA LYS C 3 -35.21 -11.21 6.50
C LYS C 3 -34.28 -9.96 6.29
N GLN C 4 -34.88 -8.75 6.22
CA GLN C 4 -34.12 -7.50 6.06
C GLN C 4 -33.67 -7.03 7.45
N PHE C 5 -32.41 -6.62 7.60
CA PHE C 5 -31.90 -6.17 8.90
C PHE C 5 -31.14 -4.90 8.71
N LYS C 6 -31.44 -3.87 9.49
CA LYS C 6 -30.70 -2.61 9.36
C LYS C 6 -29.47 -2.62 10.27
N ILE C 7 -28.31 -2.27 9.73
CA ILE C 7 -27.06 -2.18 10.50
C ILE C 7 -26.64 -0.72 10.43
N ALA C 8 -26.35 -0.11 11.57
CA ALA C 8 -25.89 1.27 11.56
C ALA C 8 -24.38 1.29 11.66
N VAL C 9 -23.69 2.11 10.84
CA VAL C 9 -22.25 2.23 10.92
C VAL C 9 -21.96 3.65 11.34
N VAL C 10 -21.53 3.83 12.58
CA VAL C 10 -21.22 5.14 13.14
C VAL C 10 -19.75 5.21 13.60
N GLY C 11 -19.28 6.41 13.87
CA GLY C 11 -17.91 6.69 14.28
C GLY C 11 -17.53 8.11 13.87
N LEU C 12 -16.43 8.63 14.43
CA LEU C 12 -15.99 9.98 14.07
C LEU C 12 -15.61 10.07 12.58
N ASP C 13 -15.57 11.30 12.04
CA ASP C 13 -15.18 11.54 10.67
C ASP C 13 -13.77 11.03 10.40
N SER C 14 -13.57 10.37 9.24
CA SER C 14 -12.28 9.82 8.80
C SER C 14 -11.89 8.53 9.54
N ALA C 15 -12.80 7.92 10.31
CA ALA C 15 -12.49 6.66 10.99
C ALA C 15 -12.24 5.53 10.00
N GLY C 16 -12.93 5.56 8.86
CA GLY C 16 -12.82 4.56 7.82
C GLY C 16 -14.08 3.76 7.65
N LYS C 17 -15.26 4.36 7.92
CA LYS C 17 -16.56 3.70 7.79
C LYS C 17 -16.87 3.40 6.32
N THR C 18 -16.76 4.42 5.44
CA THR C 18 -17.05 4.25 4.03
C THR C 18 -16.04 3.33 3.41
N THR C 19 -14.74 3.47 3.74
CA THR C 19 -13.66 2.60 3.25
C THR C 19 -13.97 1.12 3.53
N MET C 20 -14.56 0.86 4.69
CA MET C 20 -14.94 -0.48 5.09
C MET C 20 -16.12 -0.98 4.27
N LEU C 21 -17.14 -0.15 4.07
CA LEU C 21 -18.31 -0.52 3.27
C LEU C 21 -17.93 -0.74 1.81
N ASN C 22 -16.96 0.03 1.28
CA ASN C 22 -16.49 -0.13 -0.10
C ASN C 22 -15.82 -1.47 -0.23
N PHE C 23 -15.03 -1.88 0.76
CA PHE C 23 -14.41 -3.20 0.72
C PHE C 23 -15.46 -4.31 0.84
N LEU C 24 -16.44 -4.17 1.72
CA LEU C 24 -17.51 -5.16 1.90
C LEU C 24 -18.34 -5.44 0.63
N ARG C 25 -18.56 -4.41 -0.21
CA ARG C 25 -19.37 -4.59 -1.40
C ARG C 25 -18.57 -4.62 -2.70
N PHE C 26 -17.32 -4.14 -2.72
CA PHE C 26 -16.54 -4.08 -3.97
C PHE C 26 -15.13 -4.66 -3.88
N GLU C 27 -14.67 -5.03 -2.68
CA GLU C 27 -13.37 -5.61 -2.38
C GLU C 27 -12.19 -4.83 -2.98
N LYS C 28 -12.24 -3.49 -2.89
CA LYS C 28 -11.19 -2.60 -3.42
C LYS C 28 -11.16 -1.26 -2.65
N ASN C 29 -10.00 -0.56 -2.70
CA ASN C 29 -9.91 0.74 -2.06
C ASN C 29 -10.16 1.85 -3.08
N ILE C 30 -11.41 2.32 -3.08
CA ILE C 30 -11.93 3.39 -3.92
C ILE C 30 -11.78 4.70 -3.14
N GLU C 31 -11.65 5.82 -3.84
CA GLU C 31 -11.59 7.15 -3.22
C GLU C 31 -12.90 7.42 -2.47
N THR C 32 -12.82 8.10 -1.32
CA THR C 32 -14.01 8.41 -0.54
C THR C 32 -14.15 9.90 -0.36
N LEU C 33 -15.38 10.33 -0.13
CA LEU C 33 -15.71 11.71 0.15
C LEU C 33 -16.35 11.74 1.53
N PRO C 34 -16.17 12.82 2.31
CA PRO C 34 -16.78 12.88 3.63
C PRO C 34 -18.30 12.76 3.51
N THR C 35 -18.86 11.72 4.14
CA THR C 35 -20.28 11.43 4.10
C THR C 35 -21.03 12.45 4.88
N ILE C 36 -21.82 13.29 4.18
CA ILE C 36 -22.69 14.27 4.80
C ILE C 36 -24.08 13.93 4.32
N GLY C 37 -24.59 12.88 4.89
CA GLY C 37 -25.86 12.26 4.60
C GLY C 37 -25.78 10.81 5.05
N VAL C 38 -26.46 9.93 4.34
CA VAL C 38 -26.41 8.50 4.64
C VAL C 38 -26.11 7.71 3.38
N ASN C 39 -25.13 6.81 3.47
CA ASN C 39 -24.73 5.95 2.38
C ASN C 39 -25.31 4.57 2.70
N VAL C 40 -26.30 4.11 1.94
CA VAL C 40 -26.96 2.83 2.21
C VAL C 40 -26.54 1.77 1.18
N GLU C 41 -25.99 0.67 1.66
CA GLU C 41 -25.62 -0.43 0.79
C GLU C 41 -26.28 -1.73 1.27
N VAL C 42 -26.80 -2.55 0.34
CA VAL C 42 -27.46 -3.79 0.70
C VAL C 42 -26.58 -5.02 0.44
N LEU C 43 -26.30 -5.81 1.50
CA LEU C 43 -25.49 -7.03 1.46
C LEU C 43 -26.34 -8.30 1.55
N LYS C 44 -25.99 -9.35 0.78
CA LYS C 44 -26.72 -10.63 0.87
C LYS C 44 -25.86 -11.70 1.59
N ARG C 45 -25.02 -11.26 2.58
CA ARG C 45 -24.12 -12.13 3.37
C ARG C 45 -24.83 -13.27 4.04
N GLN C 46 -24.15 -14.44 4.11
CA GLN C 46 -24.64 -15.71 4.65
C GLN C 46 -26.10 -16.00 4.13
N ASN C 47 -27.15 -15.91 4.98
CA ASN C 47 -28.52 -16.11 4.53
C ASN C 47 -29.53 -15.06 5.05
N VAL C 48 -29.03 -13.86 5.38
CA VAL C 48 -29.91 -12.79 5.86
C VAL C 48 -29.59 -11.47 5.16
N ASN C 49 -30.64 -10.76 4.66
CA ASN C 49 -30.50 -9.45 4.00
C ASN C 49 -29.97 -8.38 4.96
N LEU C 50 -28.98 -7.60 4.51
CA LEU C 50 -28.36 -6.56 5.31
C LEU C 50 -28.41 -5.15 4.73
N SER C 51 -29.20 -4.24 5.32
CA SER C 51 -29.25 -2.85 4.88
C SER C 51 -28.25 -2.09 5.74
N ILE C 52 -27.02 -1.86 5.24
CA ILE C 52 -26.00 -1.15 6.01
C ILE C 52 -26.06 0.34 5.81
N PHE C 53 -26.38 1.06 6.86
CA PHE C 53 -26.49 2.52 6.83
C PHE C 53 -25.19 3.15 7.30
N ASP C 54 -24.36 3.59 6.36
CA ASP C 54 -23.12 4.26 6.67
C ASP C 54 -23.44 5.76 6.89
N LEU C 55 -23.57 6.18 8.15
CA LEU C 55 -23.81 7.58 8.49
C LEU C 55 -22.43 8.27 8.52
N GLY C 56 -22.38 9.58 8.35
CA GLY C 56 -21.13 10.31 8.48
C GLY C 56 -20.94 10.82 9.91
N GLY C 57 -19.70 10.91 10.38
CA GLY C 57 -19.40 11.45 11.71
C GLY C 57 -19.47 12.96 11.64
N LEU C 58 -18.32 13.60 11.59
CA LEU C 58 -18.18 15.05 11.32
C LEU C 58 -18.67 16.06 12.40
N LEU C 59 -19.52 15.67 13.36
CA LEU C 59 -19.92 16.50 14.50
C LEU C 59 -21.23 17.21 14.31
N HIS C 60 -21.31 18.09 13.30
CA HIS C 60 -22.56 18.78 13.01
C HIS C 60 -23.65 17.84 12.45
N PHE C 61 -23.30 16.55 12.22
CA PHE C 61 -24.13 15.49 11.70
C PHE C 61 -24.32 14.36 12.72
N ARG C 62 -23.42 14.25 13.72
CA ARG C 62 -23.53 13.24 14.77
C ARG C 62 -24.83 13.31 15.52
N ASN C 63 -25.40 14.52 15.66
CA ASN C 63 -26.68 14.68 16.33
C ASN C 63 -27.85 13.98 15.59
N LEU C 64 -27.67 13.61 14.33
CA LEU C 64 -28.68 12.92 13.56
C LEU C 64 -28.64 11.40 13.73
N TRP C 65 -27.56 10.84 14.31
CA TRP C 65 -27.43 9.40 14.47
C TRP C 65 -28.58 8.80 15.26
N GLY C 66 -29.01 9.45 16.34
CA GLY C 66 -30.11 8.98 17.16
C GLY C 66 -31.40 8.72 16.41
N THR C 67 -31.72 9.59 15.47
CA THR C 67 -32.94 9.45 14.69
C THR C 67 -32.73 8.61 13.43
N LEU C 68 -31.57 8.74 12.79
CA LEU C 68 -31.31 8.00 11.55
C LEU C 68 -31.08 6.52 11.77
N MET C 69 -30.65 6.11 12.97
CA MET C 69 -30.43 4.70 13.27
C MET C 69 -31.73 3.92 13.57
N LYS C 70 -32.89 4.60 13.63
CA LYS C 70 -34.18 3.95 13.94
C LYS C 70 -34.39 2.61 13.21
N GLY C 71 -34.53 1.53 13.97
CA GLY C 71 -34.76 0.21 13.39
C GLY C 71 -33.53 -0.68 13.29
N SER C 72 -32.34 -0.14 13.58
CA SER C 72 -31.11 -0.92 13.50
C SER C 72 -31.15 -2.11 14.49
N SER C 73 -30.74 -3.28 14.00
CA SER C 73 -30.65 -4.51 14.78
C SER C 73 -29.25 -4.66 15.38
N ALA C 74 -28.22 -4.07 14.77
CA ALA C 74 -26.85 -4.13 15.26
C ALA C 74 -26.14 -2.80 14.95
N ILE C 75 -25.08 -2.48 15.69
CA ILE C 75 -24.35 -1.23 15.49
C ILE C 75 -22.86 -1.49 15.33
N ILE C 76 -22.26 -0.92 14.31
CA ILE C 76 -20.82 -1.00 14.10
C ILE C 76 -20.26 0.38 14.42
N PHE C 77 -19.41 0.48 15.44
CA PHE C 77 -18.77 1.73 15.77
C PHE C 77 -17.32 1.67 15.32
N VAL C 78 -16.99 2.36 14.23
CA VAL C 78 -15.62 2.39 13.68
C VAL C 78 -14.75 3.46 14.35
N MET C 79 -13.53 3.07 14.73
CA MET C 79 -12.56 3.96 15.36
C MET C 79 -11.23 4.02 14.62
N ASP C 80 -10.58 5.17 14.66
CA ASP C 80 -9.24 5.31 14.09
C ASP C 80 -8.28 5.00 15.26
N SER C 81 -7.76 3.76 15.30
CA SER C 81 -6.83 3.26 16.31
C SER C 81 -5.54 4.04 16.40
N ALA C 82 -5.12 4.67 15.29
CA ALA C 82 -3.89 5.45 15.29
C ALA C 82 -4.09 6.89 15.82
N ASP C 83 -5.34 7.37 15.90
CA ASP C 83 -5.67 8.72 16.36
C ASP C 83 -5.83 8.84 17.87
N ARG C 84 -4.69 8.92 18.60
CA ARG C 84 -4.64 9.09 20.06
C ARG C 84 -5.26 10.46 20.46
N TYR C 85 -5.04 11.50 19.63
CA TYR C 85 -5.55 12.86 19.85
C TYR C 85 -7.08 12.94 19.85
N ARG C 86 -7.76 11.99 19.18
CA ARG C 86 -9.21 12.00 19.13
C ARG C 86 -9.85 10.77 19.72
N ILE C 87 -9.15 10.04 20.60
CA ILE C 87 -9.71 8.84 21.20
C ILE C 87 -10.72 9.19 22.31
N GLU C 88 -10.49 10.28 23.08
CA GLU C 88 -11.46 10.71 24.08
C GLU C 88 -12.78 11.13 23.41
N GLU C 89 -12.69 11.76 22.23
CA GLU C 89 -13.86 12.20 21.48
C GLU C 89 -14.66 10.98 20.99
N ALA C 90 -13.97 9.94 20.52
CA ALA C 90 -14.65 8.74 20.02
C ALA C 90 -15.30 7.99 21.18
N LYS C 91 -14.62 7.93 22.34
CA LYS C 91 -15.14 7.28 23.53
C LYS C 91 -16.44 7.99 23.97
N ASN C 92 -16.47 9.33 23.91
CA ASN C 92 -17.64 10.10 24.30
C ASN C 92 -18.84 9.83 23.40
N GLU C 93 -18.60 9.62 22.10
CA GLU C 93 -19.65 9.32 21.14
C GLU C 93 -20.12 7.86 21.25
N LEU C 94 -19.20 6.95 21.56
CA LEU C 94 -19.49 5.53 21.74
C LEU C 94 -20.41 5.37 22.94
N TRP C 95 -20.17 6.12 24.02
CA TRP C 95 -21.01 6.05 25.20
C TRP C 95 -22.34 6.74 25.06
N LYS C 96 -22.42 7.76 24.19
CA LYS C 96 -23.70 8.40 23.89
C LYS C 96 -24.64 7.39 23.20
N VAL C 97 -24.08 6.53 22.35
CA VAL C 97 -24.82 5.49 21.65
C VAL C 97 -25.22 4.38 22.63
N LEU C 98 -24.26 3.91 23.43
CA LEU C 98 -24.48 2.84 24.40
C LEU C 98 -25.56 3.19 25.40
N LEU C 99 -25.62 4.46 25.82
CA LEU C 99 -26.62 4.92 26.78
C LEU C 99 -27.91 5.48 26.14
N ASP C 100 -28.06 5.34 24.81
CA ASP C 100 -29.25 5.81 24.09
C ASP C 100 -30.36 4.82 24.42
N PRO C 101 -31.42 5.29 25.11
CA PRO C 101 -32.50 4.37 25.50
C PRO C 101 -33.29 3.74 24.33
N ASN C 102 -33.08 4.23 23.09
CA ASN C 102 -33.74 3.65 21.93
C ASN C 102 -33.04 2.38 21.43
N TYR C 103 -31.73 2.23 21.71
CA TYR C 103 -30.98 1.05 21.25
C TYR C 103 -30.26 0.37 22.43
N PRO C 104 -31.02 -0.25 23.36
CA PRO C 104 -30.37 -0.86 24.52
C PRO C 104 -29.98 -2.32 24.40
N ASP C 105 -30.60 -3.04 23.45
CA ASP C 105 -30.34 -4.47 23.26
C ASP C 105 -29.53 -4.80 22.00
N ALA C 106 -29.23 -3.80 21.16
CA ALA C 106 -28.52 -4.00 19.92
C ALA C 106 -27.05 -4.40 20.12
N PRO C 107 -26.62 -5.52 19.54
CA PRO C 107 -25.19 -5.90 19.61
C PRO C 107 -24.27 -4.80 19.07
N LEU C 108 -23.11 -4.60 19.69
CA LEU C 108 -22.18 -3.56 19.22
C LEU C 108 -20.84 -4.12 18.78
N LEU C 109 -20.49 -3.90 17.51
CA LEU C 109 -19.17 -4.32 17.03
C LEU C 109 -18.32 -3.07 17.01
N ILE C 110 -17.13 -3.10 17.62
CA ILE C 110 -16.24 -1.96 17.60
C ILE C 110 -15.14 -2.29 16.65
N VAL C 111 -15.08 -1.58 15.53
CA VAL C 111 -14.07 -1.80 14.51
C VAL C 111 -12.85 -0.93 14.80
N ALA C 112 -11.78 -1.56 15.27
CA ALA C 112 -10.51 -0.89 15.57
C ALA C 112 -9.75 -0.76 14.25
N ASN C 113 -10.15 0.22 13.46
CA ASN C 113 -9.56 0.44 12.15
C ASN C 113 -8.22 1.17 12.19
N LYS C 114 -7.47 1.12 11.07
CA LYS C 114 -6.18 1.77 10.87
C LYS C 114 -5.05 1.10 11.65
N GLN C 115 -5.13 -0.24 11.81
CA GLN C 115 -4.09 -1.00 12.49
C GLN C 115 -2.74 -1.02 11.75
N ASP C 116 -2.74 -0.53 10.49
CA ASP C 116 -1.55 -0.42 9.67
C ASP C 116 -0.73 0.83 10.03
N LYS C 117 -1.44 1.90 10.48
CA LYS C 117 -0.86 3.18 10.83
C LYS C 117 0.03 3.07 12.06
N GLU C 118 1.21 3.68 11.99
CA GLU C 118 2.19 3.72 13.07
C GLU C 118 1.58 4.26 14.36
N GLY C 119 1.79 3.55 15.44
CA GLY C 119 1.25 3.94 16.73
C GLY C 119 -0.21 3.57 16.92
N ALA C 120 -0.70 2.57 16.17
CA ALA C 120 -2.08 2.14 16.32
C ALA C 120 -2.26 1.48 17.67
N MET C 121 -3.40 1.72 18.30
CA MET C 121 -3.72 1.16 19.59
C MET C 121 -4.08 -0.29 19.49
N SER C 122 -3.72 -1.07 20.50
CA SER C 122 -4.06 -2.48 20.54
C SER C 122 -5.50 -2.65 21.02
N ILE C 123 -6.08 -3.87 20.89
CA ILE C 123 -7.44 -4.16 21.37
C ILE C 123 -7.54 -3.89 22.88
N GLN C 124 -6.51 -4.27 23.62
CA GLN C 124 -6.45 -4.06 25.06
C GLN C 124 -6.47 -2.58 25.37
N GLU C 125 -5.68 -1.80 24.64
CA GLU C 125 -5.59 -0.36 24.83
C GLU C 125 -6.91 0.33 24.60
N ILE C 126 -7.66 -0.10 23.58
CA ILE C 126 -8.98 0.48 23.30
C ILE C 126 -9.98 0.20 24.42
N ILE C 127 -10.08 -1.05 24.91
CA ILE C 127 -10.97 -1.42 26.02
C ILE C 127 -10.70 -0.55 27.24
N SER C 128 -9.42 -0.34 27.55
CA SER C 128 -9.00 0.46 28.69
C SER C 128 -9.37 1.94 28.56
N VAL C 129 -9.05 2.55 27.41
CA VAL C 129 -9.34 3.96 27.18
C VAL C 129 -10.85 4.22 27.13
N CYS C 130 -11.60 3.32 26.46
CA CYS C 130 -13.05 3.45 26.36
C CYS C 130 -13.82 3.01 27.59
N GLY C 131 -13.13 2.43 28.57
CA GLY C 131 -13.76 1.97 29.80
C GLY C 131 -14.68 0.78 29.62
N LEU C 132 -14.55 0.05 28.50
CA LEU C 132 -15.39 -1.11 28.25
C LEU C 132 -15.20 -2.24 29.28
N ASP C 133 -14.24 -2.09 30.21
CA ASP C 133 -14.00 -3.01 31.31
C ASP C 133 -14.92 -2.72 32.54
N ASN C 134 -15.91 -1.81 32.39
CA ASN C 134 -16.86 -1.47 33.46
C ASN C 134 -18.22 -2.04 33.08
N PRO C 135 -18.63 -3.11 33.78
CA PRO C 135 -19.89 -3.79 33.42
C PRO C 135 -21.16 -3.03 33.75
N GLU C 136 -21.13 -2.23 34.83
CA GLU C 136 -22.27 -1.47 35.36
C GLU C 136 -23.10 -0.78 34.29
N LYS C 137 -22.46 0.01 33.40
CA LYS C 137 -23.22 0.74 32.40
C LYS C 137 -23.25 0.04 31.04
N LEU C 138 -22.92 -1.26 30.97
CA LEU C 138 -22.95 -1.98 29.69
C LEU C 138 -24.06 -3.05 29.60
N GLY C 139 -24.65 -3.42 30.73
CA GLY C 139 -25.75 -4.36 30.85
C GLY C 139 -25.58 -5.72 30.23
N ASN C 140 -26.65 -6.21 29.61
CA ASN C 140 -26.70 -7.51 28.94
C ASN C 140 -26.48 -7.38 27.43
N ARG C 141 -25.68 -6.40 27.00
CA ARG C 141 -25.42 -6.18 25.58
C ARG C 141 -24.20 -6.98 25.12
N SER C 142 -24.30 -7.67 23.96
CA SER C 142 -23.16 -8.42 23.43
C SER C 142 -22.25 -7.45 22.66
N TRP C 143 -20.94 -7.45 22.94
CA TRP C 143 -19.99 -6.57 22.24
C TRP C 143 -18.72 -7.32 21.87
N HIS C 144 -18.06 -6.84 20.82
CA HIS C 144 -16.87 -7.46 20.24
C HIS C 144 -15.97 -6.40 19.61
N ILE C 145 -14.64 -6.59 19.65
CA ILE C 145 -13.72 -5.64 19.03
C ILE C 145 -13.01 -6.36 17.89
N GLN C 146 -12.95 -5.72 16.73
CA GLN C 146 -12.32 -6.31 15.57
C GLN C 146 -11.28 -5.37 14.99
N PRO C 147 -9.99 -5.74 15.10
CA PRO C 147 -8.95 -4.90 14.50
C PRO C 147 -8.95 -5.03 12.97
N THR C 148 -9.01 -3.91 12.26
CA THR C 148 -9.05 -3.94 10.80
C THR C 148 -8.05 -2.97 10.16
N VAL C 149 -7.81 -3.14 8.83
CA VAL C 149 -7.13 -2.23 7.94
C VAL C 149 -8.13 -2.15 6.77
N ALA C 150 -9.15 -1.25 6.86
CA ALA C 150 -10.20 -1.16 5.85
C ALA C 150 -9.72 -0.89 4.42
N THR C 151 -8.57 -0.20 4.24
CA THR C 151 -8.04 0.05 2.90
C THR C 151 -7.62 -1.25 2.21
N THR C 152 -7.18 -2.25 2.98
CA THR C 152 -6.81 -3.57 2.44
C THR C 152 -7.88 -4.65 2.70
N GLY C 153 -8.86 -4.36 3.56
CA GLY C 153 -9.91 -5.30 3.92
C GLY C 153 -9.54 -6.31 4.98
N GLN C 154 -8.35 -6.17 5.57
CA GLN C 154 -7.84 -7.05 6.61
C GLN C 154 -8.77 -7.00 7.82
N GLY C 155 -9.35 -8.13 8.20
CA GLY C 155 -10.25 -8.22 9.33
C GLY C 155 -11.67 -7.73 9.08
N VAL C 156 -11.92 -7.18 7.87
CA VAL C 156 -13.23 -6.65 7.49
C VAL C 156 -14.26 -7.76 7.31
N GLU C 157 -13.86 -8.90 6.71
CA GLU C 157 -14.79 -10.02 6.53
C GLU C 157 -15.15 -10.67 7.87
N GLU C 158 -14.20 -10.70 8.80
CA GLU C 158 -14.44 -11.24 10.14
C GLU C 158 -15.36 -10.31 10.93
N ALA C 159 -15.23 -9.00 10.73
CA ALA C 159 -16.07 -8.02 11.42
C ALA C 159 -17.53 -8.19 10.98
N ILE C 160 -17.78 -8.35 9.68
CA ILE C 160 -19.13 -8.53 9.18
C ILE C 160 -19.69 -9.92 9.55
N LYS C 161 -18.83 -10.94 9.67
CA LYS C 161 -19.22 -12.28 10.07
C LYS C 161 -19.78 -12.25 11.50
N TRP C 162 -19.23 -11.40 12.39
CA TRP C 162 -19.72 -11.34 13.75
C TRP C 162 -21.12 -10.74 13.78
N ILE C 163 -21.33 -9.66 13.00
CA ILE C 163 -22.62 -8.98 12.84
C ILE C 163 -23.65 -9.98 12.30
N VAL C 164 -23.29 -10.71 11.23
CA VAL C 164 -24.18 -11.70 10.63
C VAL C 164 -24.53 -12.80 11.65
N MET C 165 -23.53 -13.27 12.41
CA MET C 165 -23.71 -14.28 13.44
C MET C 165 -24.71 -13.79 14.51
N GLU C 166 -24.65 -12.51 14.85
CA GLU C 166 -25.56 -11.92 15.82
C GLU C 166 -27.00 -11.89 15.34
N LEU C 167 -27.19 -11.54 14.05
CA LEU C 167 -28.51 -11.49 13.42
C LEU C 167 -29.08 -12.90 13.26
N ASP C 168 -28.23 -13.91 13.00
CA ASP C 168 -28.66 -15.30 12.91
C ASP C 168 -29.27 -15.79 14.23
N LYS C 169 -28.85 -15.21 15.38
CA LYS C 169 -29.39 -15.53 16.69
C LYS C 169 -30.78 -14.89 16.86
N LEU C 170 -30.98 -13.68 16.29
CA LEU C 170 -32.29 -13.01 16.29
C LEU C 170 -33.30 -13.84 15.49
N LEU C 171 -32.86 -14.53 14.42
CA LEU C 171 -33.74 -15.43 13.65
C LEU C 171 -33.90 -16.73 14.45
N LYS D 2 -18.33 1.59 -21.09
CA LYS D 2 -18.84 2.70 -21.89
C LYS D 2 -20.35 2.90 -21.66
N LYS D 3 -20.85 2.61 -20.43
CA LYS D 3 -22.28 2.75 -20.15
C LYS D 3 -22.68 4.18 -19.89
N GLN D 4 -23.79 4.62 -20.48
CA GLN D 4 -24.34 5.96 -20.28
C GLN D 4 -25.40 5.96 -19.17
N PHE D 5 -25.57 7.09 -18.46
CA PHE D 5 -26.58 7.19 -17.40
C PHE D 5 -27.28 8.51 -17.48
N LYS D 6 -28.59 8.55 -17.20
CA LYS D 6 -29.32 9.80 -17.18
C LYS D 6 -29.30 10.38 -15.73
N ILE D 7 -28.92 11.66 -15.57
CA ILE D 7 -28.89 12.30 -14.26
C ILE D 7 -29.83 13.48 -14.34
N ALA D 8 -30.87 13.54 -13.51
CA ALA D 8 -31.82 14.65 -13.57
C ALA D 8 -31.38 15.75 -12.63
N VAL D 9 -31.42 16.99 -13.08
CA VAL D 9 -31.07 18.14 -12.24
C VAL D 9 -32.34 18.97 -12.05
N VAL D 10 -32.88 18.93 -10.84
CA VAL D 10 -34.09 19.66 -10.49
C VAL D 10 -33.83 20.64 -9.32
N GLY D 11 -34.77 21.55 -9.11
CA GLY D 11 -34.71 22.57 -8.07
C GLY D 11 -35.52 23.80 -8.49
N LEU D 12 -35.78 24.72 -7.54
CA LEU D 12 -36.56 25.92 -7.87
C LEU D 12 -35.83 26.81 -8.88
N ASP D 13 -36.56 27.71 -9.53
CA ASP D 13 -35.99 28.63 -10.49
C ASP D 13 -34.94 29.53 -9.83
N SER D 14 -33.81 29.74 -10.51
CA SER D 14 -32.69 30.55 -10.06
C SER D 14 -31.84 29.88 -8.94
N ALA D 15 -32.00 28.57 -8.72
CA ALA D 15 -31.20 27.85 -7.75
C ALA D 15 -29.71 27.75 -8.17
N GLY D 16 -29.48 27.65 -9.46
CA GLY D 16 -28.14 27.59 -10.03
C GLY D 16 -27.86 26.29 -10.76
N LYS D 17 -28.93 25.62 -11.23
CA LYS D 17 -28.81 24.34 -11.95
C LYS D 17 -28.00 24.51 -13.23
N THR D 18 -28.38 25.46 -14.09
CA THR D 18 -27.70 25.69 -15.35
C THR D 18 -26.29 26.17 -15.09
N THR D 19 -26.08 27.03 -14.07
CA THR D 19 -24.76 27.58 -13.72
C THR D 19 -23.78 26.45 -13.40
N MET D 20 -24.27 25.43 -12.65
CA MET D 20 -23.56 24.23 -12.24
C MET D 20 -23.25 23.36 -13.46
N LEU D 21 -24.25 23.11 -14.31
CA LEU D 21 -24.04 22.30 -15.51
C LEU D 21 -23.09 23.01 -16.53
N ASN D 22 -23.04 24.35 -16.54
CA ASN D 22 -22.12 25.12 -17.38
C ASN D 22 -20.72 25.00 -16.83
N PHE D 23 -20.57 24.97 -15.49
CA PHE D 23 -19.24 24.80 -14.90
C PHE D 23 -18.76 23.39 -15.19
N LEU D 24 -19.62 22.36 -14.99
CA LEU D 24 -19.26 20.96 -15.28
C LEU D 24 -18.84 20.77 -16.75
N ARG D 25 -19.51 21.45 -17.67
CA ARG D 25 -19.27 21.28 -19.09
C ARG D 25 -18.23 22.21 -19.72
N PHE D 26 -18.20 23.49 -19.32
CA PHE D 26 -17.29 24.47 -19.93
C PHE D 26 -16.31 25.16 -18.95
N GLU D 27 -16.40 24.83 -17.65
CA GLU D 27 -15.52 25.37 -16.58
C GLU D 27 -15.44 26.90 -16.59
N LYS D 28 -16.59 27.57 -16.74
CA LYS D 28 -16.70 29.03 -16.80
C LYS D 28 -18.11 29.51 -16.42
N ASN D 29 -18.22 30.77 -15.98
CA ASN D 29 -19.53 31.33 -15.66
C ASN D 29 -20.06 32.13 -16.87
N ILE D 30 -20.90 31.44 -17.66
CA ILE D 30 -21.57 31.97 -18.84
C ILE D 30 -22.93 32.51 -18.39
N GLU D 31 -23.48 33.48 -19.12
CA GLU D 31 -24.81 34.01 -18.85
C GLU D 31 -25.86 32.90 -19.00
N THR D 32 -26.90 32.93 -18.16
CA THR D 32 -27.96 31.94 -18.25
C THR D 32 -29.30 32.63 -18.46
N LEU D 33 -30.24 31.89 -19.02
CA LEU D 33 -31.61 32.35 -19.20
C LEU D 33 -32.46 31.33 -18.45
N PRO D 34 -33.61 31.75 -17.89
CA PRO D 34 -34.48 30.78 -17.20
C PRO D 34 -34.89 29.65 -18.14
N THR D 35 -34.50 28.43 -17.76
CA THR D 35 -34.75 27.23 -18.55
C THR D 35 -36.23 26.91 -18.56
N ILE D 36 -36.84 27.02 -19.73
CA ILE D 36 -38.22 26.67 -19.93
C ILE D 36 -38.20 25.65 -21.06
N GLY D 37 -37.70 24.50 -20.70
CA GLY D 37 -37.50 23.32 -21.52
C GLY D 37 -36.52 22.42 -20.79
N VAL D 38 -35.68 21.71 -21.55
CA VAL D 38 -34.65 20.87 -20.97
C VAL D 38 -33.32 21.14 -21.63
N ASN D 39 -32.30 21.34 -20.81
CA ASN D 39 -30.93 21.58 -21.26
C ASN D 39 -30.18 20.26 -21.02
N VAL D 40 -29.77 19.57 -22.07
CA VAL D 40 -29.09 18.28 -21.94
C VAL D 40 -27.62 18.38 -22.28
N GLU D 41 -26.75 18.07 -21.34
CA GLU D 41 -25.32 18.09 -21.62
C GLU D 41 -24.68 16.74 -21.29
N VAL D 42 -23.76 16.25 -22.13
CA VAL D 42 -23.12 14.96 -21.93
C VAL D 42 -21.73 15.11 -21.35
N LEU D 43 -21.56 14.59 -20.13
CA LEU D 43 -20.31 14.63 -19.38
C LEU D 43 -19.58 13.30 -19.53
N LYS D 44 -18.26 13.35 -19.73
CA LYS D 44 -17.48 12.13 -19.84
C LYS D 44 -16.62 11.94 -18.60
N ARG D 45 -17.21 11.48 -17.46
CA ARG D 45 -16.42 11.26 -16.24
C ARG D 45 -15.79 9.85 -16.17
N ASN D 47 -15.21 6.38 -14.99
CA ASN D 47 -14.95 6.24 -16.43
C ASN D 47 -16.25 5.92 -17.18
N VAL D 48 -17.36 6.60 -16.77
CA VAL D 48 -18.72 6.50 -17.30
C VAL D 48 -19.05 7.67 -18.25
N ASN D 49 -20.26 7.64 -18.85
CA ASN D 49 -20.83 8.65 -19.71
C ASN D 49 -22.15 9.07 -19.06
N LEU D 50 -22.33 10.37 -18.86
CA LEU D 50 -23.51 10.90 -18.18
C LEU D 50 -24.27 11.82 -19.12
N SER D 51 -25.62 11.76 -19.08
CA SER D 51 -26.54 12.59 -19.84
C SER D 51 -27.25 13.38 -18.79
N ILE D 52 -26.78 14.60 -18.55
CA ILE D 52 -27.35 15.46 -17.52
C ILE D 52 -28.51 16.27 -18.05
N PHE D 53 -29.70 15.98 -17.54
CA PHE D 53 -30.90 16.69 -17.93
C PHE D 53 -31.20 17.82 -16.97
N ASP D 54 -30.81 19.02 -17.34
CA ASP D 54 -31.06 20.22 -16.55
C ASP D 54 -32.49 20.70 -16.89
N LEU D 55 -33.45 20.45 -16.01
CA LEU D 55 -34.82 20.83 -16.23
C LEU D 55 -35.05 22.26 -15.68
N GLY D 56 -36.14 22.89 -16.10
CA GLY D 56 -36.47 24.22 -15.62
C GLY D 56 -37.25 24.21 -14.31
N GLY D 57 -36.94 25.16 -13.44
CA GLY D 57 -37.58 25.26 -12.14
C GLY D 57 -38.72 26.25 -12.00
N LEU D 58 -39.20 26.89 -13.08
CA LEU D 58 -40.33 27.83 -12.94
C LEU D 58 -41.59 27.05 -12.54
N LEU D 59 -42.40 27.64 -11.66
CA LEU D 59 -43.58 26.99 -11.08
C LEU D 59 -44.43 26.16 -12.06
N HIS D 60 -44.84 26.74 -13.17
CA HIS D 60 -45.73 26.06 -14.12
C HIS D 60 -45.07 25.00 -14.99
N PHE D 61 -43.82 24.67 -14.66
CA PHE D 61 -42.96 23.80 -15.43
C PHE D 61 -42.35 22.70 -14.60
N ARG D 62 -42.54 22.74 -13.26
CA ARG D 62 -42.18 21.73 -12.29
C ARG D 62 -43.06 20.49 -12.44
N ASN D 63 -44.32 20.65 -12.88
CA ASN D 63 -45.22 19.51 -13.07
C ASN D 63 -44.71 18.52 -14.15
N LEU D 64 -43.75 18.94 -15.00
CA LEU D 64 -43.18 18.08 -16.04
C LEU D 64 -42.00 17.25 -15.55
N TRP D 65 -41.45 17.54 -14.36
CA TRP D 65 -40.31 16.79 -13.82
C TRP D 65 -40.58 15.31 -13.73
N GLY D 66 -41.78 14.93 -13.28
CA GLY D 66 -42.17 13.53 -13.15
C GLY D 66 -42.03 12.73 -14.42
N THR D 67 -42.41 13.32 -15.55
CA THR D 67 -42.33 12.64 -16.82
C THR D 67 -40.99 12.81 -17.51
N LEU D 68 -40.38 14.01 -17.38
CA LEU D 68 -39.10 14.29 -18.03
C LEU D 68 -37.94 13.55 -17.38
N MET D 69 -38.04 13.16 -16.11
CA MET D 69 -36.96 12.44 -15.44
C MET D 69 -36.92 10.95 -15.77
N LYS D 70 -37.91 10.40 -16.52
CA LYS D 70 -37.98 8.97 -16.86
C LYS D 70 -36.63 8.36 -17.26
N GLY D 71 -36.16 7.38 -16.48
CA GLY D 71 -34.90 6.71 -16.78
C GLY D 71 -33.70 7.19 -16.00
N SER D 72 -33.85 8.26 -15.22
CA SER D 72 -32.74 8.78 -14.43
C SER D 72 -32.23 7.73 -13.42
N SER D 73 -30.90 7.60 -13.33
CA SER D 73 -30.22 6.72 -12.40
C SER D 73 -29.89 7.46 -11.10
N ALA D 74 -29.76 8.78 -11.13
CA ALA D 74 -29.49 9.61 -9.96
C ALA D 74 -30.19 10.98 -10.11
N ILE D 75 -30.45 11.66 -8.99
CA ILE D 75 -31.11 12.95 -9.01
C ILE D 75 -30.29 13.98 -8.26
N ILE D 76 -30.05 15.13 -8.87
CA ILE D 76 -29.40 16.24 -8.22
C ILE D 76 -30.47 17.28 -7.93
N PHE D 77 -30.73 17.58 -6.64
CA PHE D 77 -31.67 18.64 -6.29
C PHE D 77 -30.89 19.87 -5.84
N VAL D 78 -30.82 20.90 -6.70
CA VAL D 78 -30.11 22.15 -6.41
C VAL D 78 -30.96 23.13 -5.61
N MET D 79 -30.39 23.73 -4.56
CA MET D 79 -31.08 24.68 -3.69
C MET D 79 -30.32 25.97 -3.55
N ASP D 80 -31.03 27.10 -3.47
CA ASP D 80 -30.39 28.39 -3.21
C ASP D 80 -30.34 28.51 -1.69
N SER D 81 -29.16 28.21 -1.09
CA SER D 81 -28.91 28.27 0.34
C SER D 81 -29.13 29.63 0.95
N ALA D 82 -28.96 30.71 0.17
CA ALA D 82 -29.16 32.05 0.68
C ALA D 82 -30.63 32.47 0.67
N ASP D 83 -31.50 31.75 -0.08
CA ASP D 83 -32.92 32.08 -0.18
C ASP D 83 -33.73 31.40 0.89
N ARG D 84 -33.77 32.03 2.05
CA ARG D 84 -34.53 31.52 3.19
C ARG D 84 -36.03 31.76 3.01
N TYR D 85 -36.40 32.80 2.26
CA TYR D 85 -37.79 33.10 1.97
C TYR D 85 -38.42 32.05 1.00
N ARG D 86 -37.60 31.23 0.31
CA ARG D 86 -38.12 30.20 -0.57
C ARG D 86 -37.83 28.77 -0.08
N ILE D 87 -37.15 28.59 1.07
CA ILE D 87 -36.74 27.27 1.53
C ILE D 87 -37.90 26.31 1.82
N GLU D 88 -39.03 26.80 2.34
CA GLU D 88 -40.16 25.90 2.57
C GLU D 88 -40.81 25.46 1.23
N GLU D 89 -40.61 26.27 0.12
CA GLU D 89 -41.05 25.95 -1.24
C GLU D 89 -40.13 24.90 -1.88
N ALA D 90 -38.83 24.95 -1.58
CA ALA D 90 -37.87 23.98 -2.11
C ALA D 90 -38.03 22.65 -1.38
N LYS D 91 -38.25 22.68 -0.05
CA LYS D 91 -38.48 21.49 0.76
C LYS D 91 -39.73 20.75 0.23
N ASN D 92 -40.78 21.49 -0.14
CA ASN D 92 -42.02 20.91 -0.65
C ASN D 92 -41.81 20.21 -1.97
N GLU D 93 -40.94 20.75 -2.83
CA GLU D 93 -40.62 20.17 -4.13
C GLU D 93 -39.65 18.98 -4.00
N LEU D 94 -38.74 19.05 -3.02
CA LEU D 94 -37.79 17.98 -2.73
C LEU D 94 -38.57 16.76 -2.27
N TRP D 95 -39.60 16.94 -1.44
CA TRP D 95 -40.38 15.83 -0.93
C TRP D 95 -41.34 15.28 -1.95
N LYS D 96 -41.78 16.09 -2.92
CA LYS D 96 -42.62 15.61 -4.01
C LYS D 96 -41.79 14.62 -4.87
N VAL D 97 -40.50 14.89 -5.05
CA VAL D 97 -39.58 14.02 -5.79
C VAL D 97 -39.26 12.73 -4.98
N LEU D 98 -38.91 12.89 -3.70
CA LEU D 98 -38.58 11.74 -2.85
C LEU D 98 -39.74 10.78 -2.74
N LEU D 99 -40.97 11.30 -2.68
CA LEU D 99 -42.14 10.44 -2.55
C LEU D 99 -42.73 9.99 -3.90
N ASP D 100 -42.08 10.32 -5.03
CA ASP D 100 -42.53 9.94 -6.37
C ASP D 100 -42.30 8.45 -6.51
N PRO D 101 -43.39 7.66 -6.66
CA PRO D 101 -43.23 6.21 -6.77
C PRO D 101 -42.45 5.72 -7.99
N ASN D 102 -42.20 6.60 -8.97
CA ASN D 102 -41.43 6.22 -10.14
C ASN D 102 -39.92 6.24 -9.87
N TYR D 103 -39.46 7.03 -8.90
CA TYR D 103 -38.02 7.13 -8.60
C TYR D 103 -37.76 6.83 -7.12
N PRO D 104 -37.94 5.57 -6.69
CA PRO D 104 -37.75 5.26 -5.26
C PRO D 104 -36.34 4.79 -4.90
N ASP D 105 -35.56 4.32 -5.87
CA ASP D 105 -34.22 3.79 -5.60
C ASP D 105 -33.08 4.72 -6.05
N ALA D 106 -33.40 5.80 -6.74
CA ALA D 106 -32.38 6.70 -7.25
C ALA D 106 -31.64 7.50 -6.18
N PRO D 107 -30.31 7.42 -6.14
CA PRO D 107 -29.54 8.25 -5.18
C PRO D 107 -29.85 9.74 -5.34
N LEU D 108 -29.89 10.49 -4.23
CA LEU D 108 -30.19 11.91 -4.31
C LEU D 108 -29.06 12.78 -3.79
N LEU D 109 -28.50 13.63 -4.66
CA LEU D 109 -27.48 14.57 -4.22
C LEU D 109 -28.18 15.91 -4.03
N ILE D 110 -28.04 16.54 -2.86
CA ILE D 110 -28.63 17.85 -2.64
C ILE D 110 -27.53 18.85 -2.73
N VAL D 111 -27.56 19.69 -3.76
CA VAL D 111 -26.54 20.71 -3.96
C VAL D 111 -26.96 21.98 -3.24
N ALA D 112 -26.27 22.29 -2.12
CA ALA D 112 -26.52 23.50 -1.34
C ALA D 112 -25.74 24.64 -2.02
N ASN D 113 -26.28 25.15 -3.12
CA ASN D 113 -25.64 26.20 -3.92
C ASN D 113 -25.72 27.57 -3.25
N LYS D 114 -24.95 28.56 -3.76
CA LYS D 114 -24.93 29.94 -3.32
C LYS D 114 -24.34 30.14 -1.93
N GLN D 115 -23.39 29.29 -1.55
CA GLN D 115 -22.70 29.40 -0.25
C GLN D 115 -21.86 30.70 -0.12
N ASP D 116 -21.65 31.41 -1.23
CA ASP D 116 -20.89 32.64 -1.26
C ASP D 116 -21.76 33.83 -0.81
N LYS D 117 -23.10 33.76 -1.04
CA LYS D 117 -24.07 34.79 -0.70
C LYS D 117 -24.19 34.89 0.81
N GLU D 118 -23.93 36.08 1.42
CA GLU D 118 -23.95 36.24 2.87
C GLU D 118 -25.29 35.87 3.45
N GLY D 119 -25.28 35.09 4.53
CA GLY D 119 -26.52 34.62 5.14
C GLY D 119 -26.94 33.24 4.67
N ALA D 120 -26.13 32.60 3.79
CA ALA D 120 -26.34 31.27 3.25
C ALA D 120 -26.53 30.26 4.38
N MET D 121 -27.41 29.30 4.17
CA MET D 121 -27.69 28.27 5.15
C MET D 121 -26.58 27.27 5.21
N SER D 122 -26.32 26.74 6.39
CA SER D 122 -25.32 25.70 6.57
C SER D 122 -25.93 24.34 6.17
N ILE D 123 -25.08 23.32 5.98
CA ILE D 123 -25.54 21.95 5.66
C ILE D 123 -26.50 21.44 6.76
N GLN D 124 -26.16 21.71 8.03
CA GLN D 124 -26.95 21.32 9.18
C GLN D 124 -28.32 21.97 9.10
N GLU D 125 -28.35 23.28 8.78
CA GLU D 125 -29.56 24.05 8.69
C GLU D 125 -30.50 23.49 7.63
N ILE D 126 -29.96 23.09 6.48
CA ILE D 126 -30.75 22.52 5.42
C ILE D 126 -31.38 21.17 5.83
N ILE D 127 -30.61 20.22 6.42
CA ILE D 127 -31.13 18.93 6.91
C ILE D 127 -32.31 19.14 7.88
N SER D 128 -32.17 20.11 8.78
CA SER D 128 -33.16 20.42 9.79
C SER D 128 -34.45 20.98 9.18
N VAL D 129 -34.32 21.98 8.29
CA VAL D 129 -35.48 22.61 7.66
C VAL D 129 -36.21 21.62 6.74
N CYS D 130 -35.43 20.81 5.98
CA CYS D 130 -36.01 19.83 5.06
C CYS D 130 -36.52 18.56 5.74
N GLY D 131 -36.25 18.39 7.03
CA GLY D 131 -36.69 17.22 7.76
C GLY D 131 -35.98 15.92 7.38
N LEU D 132 -34.84 16.03 6.69
CA LEU D 132 -34.05 14.88 6.28
C LEU D 132 -33.46 14.10 7.46
N ASP D 133 -33.63 14.61 8.70
CA ASP D 133 -33.18 13.96 9.94
C ASP D 133 -34.05 12.73 10.30
N ASN D 134 -35.21 12.54 9.65
CA ASN D 134 -36.07 11.41 9.93
C ASN D 134 -36.01 10.39 8.79
N PRO D 135 -35.65 9.13 9.15
CA PRO D 135 -35.46 8.09 8.13
C PRO D 135 -36.73 7.44 7.60
N GLU D 136 -37.85 7.52 8.35
CA GLU D 136 -39.12 6.88 8.04
C GLU D 136 -39.55 7.02 6.60
N LYS D 137 -39.56 8.26 6.06
CA LYS D 137 -39.99 8.45 4.68
C LYS D 137 -38.84 8.53 3.69
N LEU D 138 -37.66 7.98 4.03
CA LEU D 138 -36.49 7.98 3.15
C LEU D 138 -36.06 6.58 2.68
N GLY D 139 -36.44 5.56 3.42
CA GLY D 139 -36.11 4.16 3.12
C GLY D 139 -34.64 3.83 3.01
N ASN D 140 -34.30 3.01 2.00
CA ASN D 140 -32.93 2.59 1.71
C ASN D 140 -32.31 3.44 0.58
N ARG D 141 -32.68 4.72 0.49
CA ARG D 141 -32.12 5.60 -0.52
C ARG D 141 -30.86 6.31 0.00
N SER D 142 -29.79 6.31 -0.80
CA SER D 142 -28.55 6.98 -0.41
C SER D 142 -28.69 8.48 -0.73
N TRP D 143 -28.36 9.35 0.22
CA TRP D 143 -28.40 10.80 0.00
C TRP D 143 -27.16 11.49 0.56
N HIS D 144 -26.83 12.65 -0.01
CA HIS D 144 -25.63 13.42 0.33
C HIS D 144 -25.89 14.91 0.10
N ILE D 145 -25.28 15.78 0.92
CA ILE D 145 -25.42 17.24 0.73
C ILE D 145 -24.07 17.81 0.36
N GLN D 146 -24.03 18.63 -0.68
CA GLN D 146 -22.78 19.22 -1.14
C GLN D 146 -22.89 20.72 -1.25
N PRO D 147 -22.16 21.45 -0.37
CA PRO D 147 -22.18 22.92 -0.47
C PRO D 147 -21.38 23.41 -1.69
N THR D 148 -22.00 24.23 -2.55
CA THR D 148 -21.33 24.72 -3.74
C THR D 148 -21.45 26.24 -3.93
N VAL D 149 -20.62 26.78 -4.84
CA VAL D 149 -20.67 28.14 -5.38
C VAL D 149 -20.55 27.86 -6.90
N ALA D 150 -21.69 27.61 -7.59
CA ALA D 150 -21.73 27.26 -9.02
C ALA D 150 -21.17 28.30 -9.97
N THR D 151 -21.09 29.57 -9.57
CA THR D 151 -20.49 30.61 -10.42
C THR D 151 -18.96 30.47 -10.46
N THR D 152 -18.35 29.94 -9.38
CA THR D 152 -16.91 29.66 -9.31
C THR D 152 -16.57 28.17 -9.46
N GLY D 153 -17.57 27.30 -9.41
CA GLY D 153 -17.41 25.86 -9.50
C GLY D 153 -16.91 25.17 -8.25
N GLN D 154 -16.73 25.93 -7.19
CA GLN D 154 -16.25 25.41 -5.92
C GLN D 154 -17.24 24.38 -5.34
N GLY D 155 -16.79 23.14 -5.17
CA GLY D 155 -17.61 22.04 -4.68
C GLY D 155 -18.40 21.33 -5.76
N VAL D 156 -18.42 21.87 -6.99
CA VAL D 156 -19.15 21.30 -8.13
C VAL D 156 -18.50 19.99 -8.61
N GLU D 157 -17.17 19.92 -8.63
CA GLU D 157 -16.49 18.70 -9.04
C GLU D 157 -16.77 17.58 -8.03
N GLU D 158 -16.74 17.91 -6.72
CA GLU D 158 -17.01 16.96 -5.64
C GLU D 158 -18.45 16.46 -5.67
N ALA D 159 -19.38 17.34 -6.09
CA ALA D 159 -20.79 16.98 -6.18
C ALA D 159 -20.96 15.93 -7.28
N ILE D 160 -20.30 16.13 -8.43
CA ILE D 160 -20.41 15.18 -9.54
C ILE D 160 -19.64 13.88 -9.23
N LYS D 161 -18.57 13.96 -8.44
CA LYS D 161 -17.80 12.80 -8.00
C LYS D 161 -18.68 11.86 -7.18
N TRP D 162 -19.58 12.40 -6.34
CA TRP D 162 -20.46 11.56 -5.53
C TRP D 162 -21.44 10.82 -6.42
N ILE D 163 -22.02 11.52 -7.41
CA ILE D 163 -22.97 10.97 -8.38
C ILE D 163 -22.26 9.86 -9.17
N VAL D 164 -21.04 10.12 -9.66
CA VAL D 164 -20.27 9.15 -10.41
C VAL D 164 -19.97 7.91 -9.56
N MET D 165 -19.61 8.12 -8.28
CA MET D 165 -19.35 7.04 -7.33
C MET D 165 -20.58 6.15 -7.16
N GLU D 166 -21.76 6.77 -7.12
CA GLU D 166 -23.02 6.05 -6.99
C GLU D 166 -23.34 5.21 -8.21
N LEU D 167 -23.09 5.75 -9.41
CA LEU D 167 -23.30 5.05 -10.67
C LEU D 167 -22.29 3.90 -10.84
N ASP D 168 -21.05 4.06 -10.33
CA ASP D 168 -20.04 3.01 -10.36
C ASP D 168 -20.53 1.76 -9.58
N LYS D 169 -21.40 1.96 -8.56
CA LYS D 169 -21.98 0.85 -7.80
C LYS D 169 -23.12 0.23 -8.61
N MET E 1 30.84 -37.02 13.67
CA MET E 1 30.37 -36.48 14.94
C MET E 1 29.27 -35.47 14.71
N LYS E 2 28.22 -35.55 15.55
CA LYS E 2 27.07 -34.66 15.63
C LYS E 2 27.52 -33.38 16.29
N LYS E 3 27.06 -32.27 15.74
CA LYS E 3 27.47 -30.97 16.20
C LYS E 3 26.73 -30.59 17.45
N GLN E 4 27.45 -30.03 18.39
CA GLN E 4 26.86 -29.58 19.63
C GLN E 4 27.25 -28.12 19.81
N PHE E 5 26.27 -27.27 20.03
CA PHE E 5 26.51 -25.83 20.10
C PHE E 5 26.14 -25.30 21.46
N LYS E 6 26.88 -24.30 21.95
CA LYS E 6 26.55 -23.67 23.23
C LYS E 6 25.55 -22.51 23.00
N ILE E 7 24.45 -22.50 23.74
CA ILE E 7 23.45 -21.44 23.67
C ILE E 7 23.47 -20.81 25.03
N ALA E 8 23.61 -19.48 25.15
CA ALA E 8 23.58 -18.83 26.47
C ALA E 8 22.23 -18.21 26.72
N VAL E 9 21.64 -18.47 27.89
CA VAL E 9 20.36 -17.91 28.26
C VAL E 9 20.61 -16.89 29.34
N VAL E 10 20.48 -15.61 29.01
CA VAL E 10 20.68 -14.51 29.94
C VAL E 10 19.40 -13.67 30.07
N GLY E 11 19.35 -12.81 31.08
CA GLY E 11 18.23 -11.92 31.39
C GLY E 11 18.22 -11.60 32.87
N LEU E 12 17.43 -10.60 33.29
CA LEU E 12 17.35 -10.22 34.71
C LEU E 12 16.81 -11.35 35.58
N ASP E 13 17.04 -11.30 36.90
CA ASP E 13 16.53 -12.30 37.83
C ASP E 13 15.00 -12.34 37.80
N SER E 14 14.42 -13.53 37.77
CA SER E 14 12.98 -13.76 37.72
C SER E 14 12.33 -13.52 36.33
N ALA E 15 13.14 -13.38 35.26
CA ALA E 15 12.60 -13.19 33.90
C ALA E 15 11.87 -14.45 33.43
N GLY E 16 12.33 -15.62 33.85
CA GLY E 16 11.74 -16.91 33.50
C GLY E 16 12.67 -17.87 32.75
N LYS E 17 13.99 -17.59 32.80
CA LYS E 17 14.99 -18.38 32.10
C LYS E 17 14.92 -19.85 32.45
N THR E 18 14.97 -20.17 33.75
CA THR E 18 14.94 -21.55 34.22
C THR E 18 13.61 -22.17 33.88
N THR E 19 12.50 -21.46 34.10
CA THR E 19 11.15 -21.94 33.78
C THR E 19 11.06 -22.38 32.30
N MET E 20 11.74 -21.63 31.41
CA MET E 20 11.77 -21.94 30.00
C MET E 20 12.61 -23.19 29.71
N LEU E 21 13.78 -23.30 30.36
CA LEU E 21 14.62 -24.46 30.16
C LEU E 21 13.97 -25.73 30.72
N ASN E 22 13.19 -25.61 31.81
CA ASN E 22 12.47 -26.76 32.38
C ASN E 22 11.42 -27.21 31.39
N PHE E 23 10.74 -26.29 30.71
CA PHE E 23 9.76 -26.66 29.69
C PHE E 23 10.46 -27.31 28.49
N LEU E 24 11.57 -26.74 28.02
CA LEU E 24 12.33 -27.30 26.89
C LEU E 24 12.81 -28.76 27.07
N ARG E 25 13.13 -29.17 28.30
CA ARG E 25 13.59 -30.54 28.50
C ARG E 25 12.56 -31.44 29.18
N PHE E 26 11.62 -30.88 29.96
CA PHE E 26 10.68 -31.71 30.73
C PHE E 26 9.20 -31.45 30.45
N GLU E 27 8.90 -30.42 29.66
CA GLU E 27 7.54 -30.01 29.24
C GLU E 27 6.55 -29.87 30.42
N LYS E 28 7.00 -29.25 31.53
CA LYS E 28 6.19 -29.06 32.74
C LYS E 28 6.67 -27.85 33.56
N ASN E 29 5.79 -27.29 34.42
CA ASN E 29 6.20 -26.20 35.29
C ASN E 29 6.59 -26.71 36.67
N ILE E 30 7.89 -26.90 36.85
CA ILE E 30 8.54 -27.36 38.07
C ILE E 30 8.94 -26.12 38.90
N GLU E 31 9.06 -26.26 40.21
CA GLU E 31 9.48 -25.16 41.07
C GLU E 31 10.92 -24.73 40.72
N THR E 32 11.20 -23.44 40.81
CA THR E 32 12.53 -22.93 40.52
C THR E 32 13.10 -22.20 41.75
N LEU E 33 14.41 -22.12 41.81
CA LEU E 33 15.12 -21.39 42.84
C LEU E 33 15.96 -20.35 42.07
N PRO E 34 16.24 -19.20 42.65
CA PRO E 34 17.12 -18.22 41.98
C PRO E 34 18.48 -18.84 41.65
N THR E 35 18.81 -18.92 40.36
CA THR E 35 20.04 -19.52 39.88
C THR E 35 21.21 -18.64 40.25
N ILE E 36 22.06 -19.15 41.12
CA ILE E 36 23.27 -18.46 41.51
C ILE E 36 24.40 -19.41 41.16
N GLY E 37 24.63 -19.47 39.86
CA GLY E 37 25.58 -20.35 39.22
C GLY E 37 25.13 -20.55 37.78
N VAL E 38 25.37 -21.73 37.23
CA VAL E 38 24.96 -22.03 35.86
C VAL E 38 24.23 -23.37 35.82
N ASN E 39 23.08 -23.37 35.17
CA ASN E 39 22.25 -24.55 35.01
C ASN E 39 22.42 -24.98 33.55
N VAL E 40 23.08 -26.12 33.34
CA VAL E 40 23.36 -26.59 31.98
C VAL E 40 22.52 -27.80 31.63
N GLU E 41 21.74 -27.71 30.56
CA GLU E 41 20.94 -28.82 30.10
C GLU E 41 21.20 -29.05 28.60
N VAL E 42 21.24 -30.32 28.18
CA VAL E 42 21.52 -30.66 26.80
C VAL E 42 20.24 -31.04 26.04
N LEU E 43 19.88 -30.22 25.06
CA LEU E 43 18.70 -30.44 24.24
C LEU E 43 19.13 -31.22 23.01
N LYS E 44 18.58 -32.43 22.81
CA LYS E 44 18.95 -33.25 21.67
C LYS E 44 17.99 -33.13 20.48
N ARG E 45 18.23 -32.17 19.57
CA ARG E 45 17.40 -32.02 18.39
C ARG E 45 17.87 -32.99 17.28
N GLN E 46 17.04 -33.16 16.23
CA GLN E 46 17.30 -34.11 15.13
C GLN E 46 18.65 -33.94 14.42
N ASN E 47 18.99 -32.68 14.12
CA ASN E 47 20.23 -32.33 13.42
C ASN E 47 21.36 -31.91 14.38
N VAL E 48 21.04 -31.08 15.39
CA VAL E 48 22.08 -30.64 16.33
C VAL E 48 21.75 -30.87 17.78
N ASN E 49 22.79 -30.94 18.62
CA ASN E 49 22.67 -30.98 20.08
C ASN E 49 22.95 -29.56 20.60
N LEU E 50 22.23 -29.15 21.66
CA LEU E 50 22.37 -27.85 22.27
C LEU E 50 22.78 -27.94 23.69
N SER E 51 23.90 -27.32 24.06
CA SER E 51 24.34 -27.24 25.44
C SER E 51 23.79 -25.92 25.90
N ILE E 52 22.62 -25.93 26.55
CA ILE E 52 21.98 -24.70 26.98
C ILE E 52 22.49 -24.26 28.35
N PHE E 53 23.13 -23.10 28.39
CA PHE E 53 23.67 -22.55 29.62
C PHE E 53 22.74 -21.50 30.19
N ASP E 54 21.94 -21.88 31.17
CA ASP E 54 21.01 -20.99 31.85
C ASP E 54 21.81 -20.30 32.97
N LEU E 55 22.25 -19.08 32.71
CA LEU E 55 23.06 -18.32 33.67
C LEU E 55 22.20 -17.64 34.72
N GLY E 56 22.80 -17.33 35.86
CA GLY E 56 22.10 -16.61 36.91
C GLY E 56 21.95 -15.14 36.54
N GLY E 57 20.75 -14.61 36.74
CA GLY E 57 20.47 -13.21 36.42
C GLY E 57 20.43 -12.24 37.58
N LEU E 58 20.94 -12.63 38.75
CA LEU E 58 20.92 -11.74 39.92
C LEU E 58 22.01 -10.68 39.81
N LEU E 59 21.71 -9.49 40.33
CA LEU E 59 22.63 -8.36 40.40
C LEU E 59 23.84 -8.80 41.22
N HIS E 60 25.00 -8.89 40.53
CA HIS E 60 26.35 -9.35 41.01
C HIS E 60 26.76 -10.55 40.15
N PHE E 61 25.84 -11.49 39.93
CA PHE E 61 26.14 -12.64 39.10
C PHE E 61 26.26 -12.26 37.60
N ARG E 62 25.52 -11.20 37.17
CA ARG E 62 25.52 -10.72 35.79
C ARG E 62 26.88 -10.39 35.27
N ASN E 63 27.76 -9.80 36.13
CA ASN E 63 29.15 -9.48 35.79
C ASN E 63 29.95 -10.73 35.29
N LEU E 64 29.46 -11.94 35.57
CA LEU E 64 30.07 -13.17 35.10
C LEU E 64 29.59 -13.63 33.73
N TRP E 65 28.52 -13.03 33.17
CA TRP E 65 27.99 -13.43 31.86
C TRP E 65 29.03 -13.32 30.76
N GLY E 66 29.82 -12.25 30.78
CA GLY E 66 30.85 -12.04 29.77
C GLY E 66 31.83 -13.19 29.65
N THR E 67 32.24 -13.74 30.79
CA THR E 67 33.19 -14.85 30.79
C THR E 67 32.52 -16.21 30.67
N LEU E 68 31.34 -16.37 31.29
CA LEU E 68 30.65 -17.65 31.26
C LEU E 68 30.03 -17.98 29.92
N MET E 69 29.76 -16.98 29.08
CA MET E 69 29.17 -17.22 27.76
C MET E 69 30.21 -17.67 26.72
N LYS E 70 31.52 -17.69 27.06
CA LYS E 70 32.58 -18.06 26.11
C LYS E 70 32.26 -19.29 25.27
N GLY E 71 32.21 -19.10 23.95
CA GLY E 71 31.93 -20.21 23.04
C GLY E 71 30.50 -20.33 22.56
N SER E 72 29.59 -19.49 23.10
CA SER E 72 28.20 -19.52 22.67
C SER E 72 28.08 -19.16 21.18
N SER E 73 27.26 -19.94 20.46
CA SER E 73 26.97 -19.73 19.04
C SER E 73 25.74 -18.83 18.85
N ALA E 74 24.83 -18.83 19.83
CA ALA E 74 23.62 -18.02 19.81
C ALA E 74 23.30 -17.55 21.24
N ILE E 75 22.56 -16.45 21.37
CA ILE E 75 22.20 -15.92 22.70
C ILE E 75 20.71 -15.78 22.83
N ILE E 76 20.13 -16.26 23.93
CA ILE E 76 18.72 -16.05 24.21
C ILE E 76 18.64 -15.04 25.36
N PHE E 77 18.04 -13.86 25.14
CA PHE E 77 17.86 -12.88 26.19
C PHE E 77 16.39 -12.89 26.61
N VAL E 78 16.08 -13.46 27.79
CA VAL E 78 14.72 -13.54 28.34
C VAL E 78 14.33 -12.26 29.11
N MET E 79 13.12 -11.76 28.83
CA MET E 79 12.60 -10.55 29.46
C MET E 79 11.24 -10.76 30.10
N ASP E 80 10.99 -10.07 31.21
CA ASP E 80 9.67 -10.09 31.82
C ASP E 80 8.88 -8.93 31.18
N SER E 81 8.04 -9.25 30.16
CA SER E 81 7.20 -8.30 29.40
C SER E 81 6.22 -7.56 30.28
N ALA E 82 5.81 -8.16 31.40
CA ALA E 82 4.86 -7.50 32.29
C ALA E 82 5.54 -6.55 33.26
N ASP E 83 6.86 -6.67 33.46
CA ASP E 83 7.59 -5.82 34.40
C ASP E 83 8.01 -4.54 33.74
N ARG E 84 7.10 -3.56 33.72
CA ARG E 84 7.37 -2.25 33.16
C ARG E 84 8.27 -1.43 34.07
N TYR E 85 8.19 -1.66 35.39
CA TYR E 85 9.05 -1.00 36.37
C TYR E 85 10.55 -1.43 36.20
N ARG E 86 10.77 -2.66 35.71
CA ARG E 86 12.12 -3.17 35.51
C ARG E 86 12.41 -3.41 34.04
N ILE E 87 12.00 -2.45 33.21
CA ILE E 87 12.22 -2.56 31.79
C ILE E 87 13.44 -1.71 31.33
N GLU E 88 13.86 -0.71 32.14
CA GLU E 88 15.11 0.00 31.84
C GLU E 88 16.27 -0.94 32.18
N GLU E 89 16.17 -1.71 33.27
CA GLU E 89 17.17 -2.65 33.70
C GLU E 89 17.42 -3.71 32.63
N ALA E 90 16.35 -4.21 31.98
CA ALA E 90 16.52 -5.23 30.94
C ALA E 90 17.22 -4.65 29.71
N LYS E 91 16.78 -3.48 29.22
CA LYS E 91 17.39 -2.83 28.08
C LYS E 91 18.86 -2.47 28.29
N ASN E 92 19.29 -2.13 29.52
CA ASN E 92 20.70 -1.78 29.75
C ASN E 92 21.56 -3.02 29.66
N GLU E 93 21.06 -4.17 30.20
CA GLU E 93 21.76 -5.46 30.18
C GLU E 93 21.78 -6.07 28.79
N LEU E 94 20.70 -5.88 28.02
CA LEU E 94 20.60 -6.37 26.65
C LEU E 94 21.64 -5.67 25.78
N TRP E 95 21.82 -4.37 25.97
CA TRP E 95 22.79 -3.60 25.22
C TRP E 95 24.21 -3.82 25.66
N LYS E 96 24.42 -4.20 26.92
CA LYS E 96 25.75 -4.56 27.40
C LYS E 96 26.22 -5.84 26.66
N VAL E 97 25.29 -6.78 26.39
CA VAL E 97 25.57 -8.01 25.67
C VAL E 97 25.79 -7.72 24.18
N LEU E 98 24.89 -6.93 23.58
CA LEU E 98 24.97 -6.56 22.16
C LEU E 98 26.26 -5.86 21.83
N LEU E 99 26.74 -5.01 22.74
CA LEU E 99 27.98 -4.27 22.51
C LEU E 99 29.23 -4.97 23.04
N ASP E 100 29.11 -6.22 23.52
CA ASP E 100 30.24 -7.00 24.02
C ASP E 100 31.08 -7.40 22.82
N PRO E 101 32.34 -6.90 22.75
CA PRO E 101 33.19 -7.22 21.60
C PRO E 101 33.54 -8.69 21.44
N ASN E 102 33.27 -9.53 22.45
CA ASN E 102 33.54 -10.96 22.36
C ASN E 102 32.45 -11.72 21.60
N TYR E 103 31.22 -11.18 21.57
CA TYR E 103 30.11 -11.86 20.89
C TYR E 103 29.46 -10.90 19.89
N PRO E 104 30.16 -10.54 18.79
CA PRO E 104 29.58 -9.58 17.83
C PRO E 104 28.77 -10.21 16.69
N ASP E 105 29.00 -11.49 16.40
CA ASP E 105 28.31 -12.17 15.29
C ASP E 105 27.22 -13.15 15.74
N ALA E 106 27.08 -13.39 17.04
CA ALA E 106 26.11 -14.36 17.54
C ALA E 106 24.67 -13.93 17.37
N PRO E 107 23.84 -14.76 16.71
CA PRO E 107 22.39 -14.44 16.62
C PRO E 107 21.75 -14.20 17.97
N LEU E 108 20.82 -13.24 18.08
CA LEU E 108 20.17 -12.98 19.37
C LEU E 108 18.69 -13.22 19.34
N LEU E 109 18.17 -14.14 20.17
CA LEU E 109 16.73 -14.35 20.29
C LEU E 109 16.28 -13.61 21.54
N ILE E 110 15.27 -12.75 21.43
CA ILE E 110 14.75 -12.04 22.60
C ILE E 110 13.45 -12.69 22.95
N VAL E 111 13.41 -13.37 24.12
CA VAL E 111 12.22 -14.05 24.57
C VAL E 111 11.38 -13.09 25.40
N ALA E 112 10.26 -12.63 24.83
CA ALA E 112 9.33 -11.74 25.51
C ALA E 112 8.43 -12.63 26.38
N ASN E 113 8.97 -13.06 27.52
CA ASN E 113 8.27 -13.93 28.43
C ASN E 113 7.26 -13.19 29.31
N LYS E 114 6.32 -13.93 29.92
CA LYS E 114 5.26 -13.46 30.81
C LYS E 114 4.14 -12.74 30.07
N GLN E 115 3.86 -13.16 28.82
CA GLN E 115 2.75 -12.60 28.02
C GLN E 115 1.35 -12.88 28.64
N ASP E 116 1.28 -13.76 29.64
CA ASP E 116 0.06 -14.09 30.35
C ASP E 116 -0.29 -13.02 31.40
N LYS E 117 0.75 -12.40 32.00
CA LYS E 117 0.62 -11.40 33.04
C LYS E 117 -0.03 -10.13 32.56
N GLU E 118 -0.98 -9.61 33.36
CA GLU E 118 -1.71 -8.39 33.02
C GLU E 118 -0.78 -7.21 32.74
N GLY E 119 -1.02 -6.51 31.64
CA GLY E 119 -0.20 -5.38 31.25
C GLY E 119 1.11 -5.79 30.59
N ALA E 120 1.17 -7.01 30.00
CA ALA E 120 2.37 -7.45 29.31
C ALA E 120 2.57 -6.59 28.06
N MET E 121 3.81 -6.26 27.78
CA MET E 121 4.15 -5.44 26.64
C MET E 121 4.07 -6.26 25.37
N SER E 122 3.68 -5.61 24.27
CA SER E 122 3.61 -6.27 22.98
C SER E 122 5.02 -6.33 22.35
N ILE E 123 5.20 -7.10 21.28
CA ILE E 123 6.48 -7.20 20.56
C ILE E 123 6.95 -5.81 20.08
N GLN E 124 6.06 -5.03 19.47
CA GLN E 124 6.44 -3.71 18.99
C GLN E 124 6.71 -2.74 20.15
N GLU E 125 6.07 -2.91 21.32
CA GLU E 125 6.35 -2.08 22.48
C GLU E 125 7.78 -2.36 22.99
N ILE E 126 8.20 -3.63 22.98
CA ILE E 126 9.53 -4.01 23.42
C ILE E 126 10.61 -3.43 22.49
N ILE E 127 10.45 -3.54 21.16
CA ILE E 127 11.39 -2.98 20.18
C ILE E 127 11.60 -1.48 20.43
N SER E 128 10.50 -0.77 20.69
CA SER E 128 10.52 0.66 20.93
C SER E 128 11.24 1.04 22.23
N VAL E 129 10.91 0.37 23.34
CA VAL E 129 11.53 0.65 24.62
C VAL E 129 13.01 0.28 24.62
N CYS E 130 13.36 -0.86 24.01
CA CYS E 130 14.75 -1.32 23.91
C CYS E 130 15.58 -0.62 22.84
N GLY E 131 14.95 0.24 22.04
CA GLY E 131 15.66 0.97 20.99
C GLY E 131 16.15 0.10 19.84
N LEU E 132 15.68 -1.17 19.75
CA LEU E 132 16.05 -2.08 18.67
C LEU E 132 15.67 -1.59 17.27
N ASP E 133 14.98 -0.45 17.17
CA ASP E 133 14.64 0.18 15.91
C ASP E 133 15.80 1.11 15.39
N ASN E 134 16.98 1.08 16.05
CA ASN E 134 18.14 1.85 15.62
C ASN E 134 19.19 0.88 15.10
N PRO E 135 19.38 0.85 13.77
CA PRO E 135 20.32 -0.12 13.18
C PRO E 135 21.80 0.17 13.40
N GLU E 136 22.16 1.45 13.60
CA GLU E 136 23.53 1.92 13.78
C GLU E 136 24.35 1.07 14.76
N LYS E 137 23.81 0.80 15.96
CA LYS E 137 24.54 0.04 16.94
C LYS E 137 24.19 -1.46 16.94
N LEU E 138 23.58 -1.97 15.85
CA LEU E 138 23.22 -3.40 15.76
C LEU E 138 24.06 -4.20 14.77
N GLY E 139 24.69 -3.51 13.82
CA GLY E 139 25.53 -4.12 12.82
C GLY E 139 24.83 -5.16 11.98
N ASN E 140 25.57 -6.24 11.65
CA ASN E 140 25.04 -7.30 10.80
C ASN E 140 24.56 -8.50 11.60
N ARG E 141 24.02 -8.25 12.80
CA ARG E 141 23.56 -9.32 13.65
C ARG E 141 22.09 -9.69 13.40
N SER E 142 21.79 -11.02 13.28
CA SER E 142 20.41 -11.48 13.08
C SER E 142 19.72 -11.48 14.44
N TRP E 143 18.52 -10.87 14.55
CA TRP E 143 17.75 -10.89 15.80
C TRP E 143 16.29 -11.19 15.55
N HIS E 144 15.63 -11.71 16.58
CA HIS E 144 14.24 -12.16 16.52
C HIS E 144 13.58 -12.02 17.88
N ILE E 145 12.28 -11.66 17.93
CA ILE E 145 11.56 -11.56 19.21
C ILE E 145 10.49 -12.63 19.24
N GLN E 146 10.41 -13.35 20.34
CA GLN E 146 9.44 -14.43 20.49
C GLN E 146 8.64 -14.27 21.76
N PRO E 147 7.33 -13.97 21.62
CA PRO E 147 6.50 -13.86 22.82
C PRO E 147 6.20 -15.24 23.41
N THR E 148 6.48 -15.42 24.70
CA THR E 148 6.26 -16.69 25.36
C THR E 148 5.50 -16.56 26.70
N VAL E 149 5.01 -17.70 27.23
CA VAL E 149 4.48 -17.91 28.57
C VAL E 149 5.25 -19.18 29.01
N ALA E 150 6.43 -19.02 29.66
CA ALA E 150 7.30 -20.12 30.06
C ALA E 150 6.65 -21.14 30.98
N THR E 151 5.74 -20.69 31.83
CA THR E 151 5.06 -21.61 32.74
C THR E 151 4.18 -22.63 31.98
N THR E 152 3.63 -22.23 30.82
CA THR E 152 2.82 -23.13 30.00
C THR E 152 3.56 -23.62 28.73
N GLY E 153 4.72 -23.05 28.43
CA GLY E 153 5.50 -23.42 27.25
C GLY E 153 5.05 -22.82 25.94
N GLN E 154 4.05 -21.90 26.00
CA GLN E 154 3.48 -21.21 24.84
C GLN E 154 4.59 -20.41 24.16
N GLY E 155 4.86 -20.73 22.88
CA GLY E 155 5.89 -20.05 22.10
C GLY E 155 7.32 -20.47 22.39
N VAL E 156 7.50 -21.36 23.36
CA VAL E 156 8.81 -21.86 23.77
C VAL E 156 9.42 -22.79 22.69
N GLU E 157 8.59 -23.64 22.05
CA GLU E 157 9.08 -24.51 20.98
C GLU E 157 9.49 -23.71 19.74
N GLU E 158 8.74 -22.63 19.45
CA GLU E 158 9.05 -21.75 18.34
C GLU E 158 10.33 -20.95 18.61
N ALA E 159 10.57 -20.58 19.87
CA ALA E 159 11.75 -19.83 20.24
C ALA E 159 13.00 -20.70 20.02
N ILE E 160 12.94 -21.98 20.40
CA ILE E 160 14.07 -22.89 20.23
C ILE E 160 14.25 -23.29 18.76
N LYS E 161 13.15 -23.33 18.00
CA LYS E 161 13.19 -23.61 16.56
C LYS E 161 13.99 -22.51 15.82
N TRP E 162 13.89 -21.23 16.26
CA TRP E 162 14.63 -20.15 15.62
C TRP E 162 16.11 -20.34 15.87
N ILE E 163 16.49 -20.66 17.10
CA ILE E 163 17.87 -20.90 17.52
C ILE E 163 18.44 -22.08 16.70
N VAL E 164 17.68 -23.18 16.60
CA VAL E 164 18.09 -24.35 15.84
C VAL E 164 18.26 -23.99 14.36
N MET E 165 17.33 -23.20 13.80
CA MET E 165 17.39 -22.74 12.42
C MET E 165 18.66 -21.94 12.17
N GLU E 166 19.08 -21.11 13.15
CA GLU E 166 20.28 -20.30 13.04
C GLU E 166 21.54 -21.15 12.99
N LEU E 167 21.60 -22.21 13.82
CA LEU E 167 22.71 -23.14 13.89
C LEU E 167 22.76 -24.00 12.62
N ASP E 168 21.61 -24.35 12.05
CA ASP E 168 21.55 -25.10 10.79
C ASP E 168 22.19 -24.33 9.64
N LYS E 169 22.18 -22.98 9.70
CA LYS E 169 22.83 -22.11 8.72
C LYS E 169 24.34 -22.14 8.92
N LEU E 170 24.83 -22.24 10.17
CA LEU E 170 26.26 -22.37 10.45
C LEU E 170 26.76 -23.71 9.87
N LEU E 171 25.95 -24.78 9.92
CA LEU E 171 26.33 -26.05 9.33
C LEU E 171 26.27 -25.95 7.82
N GLU E 172 25.21 -25.36 7.29
CA GLU E 172 24.99 -25.22 5.84
C GLU E 172 25.93 -24.25 5.15
N HIS E 173 26.50 -23.30 5.89
CA HIS E 173 27.45 -22.33 5.35
C HIS E 173 28.72 -23.10 4.86
N HIS E 174 29.07 -24.20 5.56
CA HIS E 174 30.17 -25.13 5.34
C HIS E 174 29.83 -26.22 4.31
#